data_9KCO
#
_entry.id   9KCO
#
_cell.length_a   1.00
_cell.length_b   1.00
_cell.length_c   1.00
_cell.angle_alpha   90.00
_cell.angle_beta   90.00
_cell.angle_gamma   90.00
#
_symmetry.space_group_name_H-M   'P 1'
#
loop_
_entity.id
_entity.type
_entity.pdbx_description
1 polymer Alpha-synuclein
2 non-polymer (2~{R})-1-fluoranyl-3-[[2-[(~{E})-2-[5-[6-(methylamino)pyridin-3-yl]pyridin-2-yl]ethenyl]-1,3-benzothiazol-6-yl]oxy]propan-2-ol
#
_entity_poly.entity_id   1
_entity_poly.type   'polypeptide(L)'
_entity_poly.pdbx_seq_one_letter_code
;MDVFMKGLSKAKEGVVAAAEKTKQGVAEAAGKTKEGVLYVGSKTKEGVVHDVTTVAEKTKEQVTNVGGAVVTGVTAVAQK
TVEGAGSIAAATGFVKKDQLGKNEEGAPQEGILEDMPVDPDNEAYEMPSEEGYQDYEPEA
;
_entity_poly.pdbx_strand_id   F,G,H,I,J,K,L,M,N,O,P,Q
#
loop_
_chem_comp.id
_chem_comp.type
_chem_comp.name
_chem_comp.formula
A1EFL non-polymer (2~{R})-1-fluoranyl-3-[[2-[(~{E})-2-[5-[6-(methylamino)pyridin-3-yl]pyridin-2-yl]ethenyl]-1,3-benzothiazol-6-yl]oxy]propan-2-ol 'C23 H21 F N4 O2 S'
#
# COMPACT_ATOMS: atom_id res chain seq x y z
N VAL A 37 -18.06 20.23 -0.17
CA VAL A 37 -16.95 19.57 -0.81
C VAL A 37 -17.09 18.06 -0.67
N LEU A 38 -16.74 17.30 -1.70
CA LEU A 38 -16.66 15.85 -1.56
C LEU A 38 -15.85 15.26 -2.71
N TYR A 39 -15.15 14.18 -2.41
CA TYR A 39 -14.29 13.48 -3.35
C TYR A 39 -14.74 12.04 -3.42
N VAL A 40 -14.99 11.54 -4.63
CA VAL A 40 -15.42 10.15 -4.81
C VAL A 40 -14.43 9.48 -5.75
N GLY A 41 -13.80 8.41 -5.26
CA GLY A 41 -12.83 7.66 -6.04
C GLY A 41 -11.74 8.52 -6.64
N SER A 42 -11.24 9.49 -5.88
CA SER A 42 -10.29 10.48 -6.37
C SER A 42 -9.02 10.45 -5.53
N LYS A 43 -8.12 11.40 -5.80
CA LYS A 43 -6.81 11.47 -5.18
C LYS A 43 -6.37 12.92 -5.09
N THR A 44 -5.45 13.20 -4.17
CA THR A 44 -4.93 14.53 -3.95
C THR A 44 -3.47 14.45 -3.54
N LYS A 45 -2.69 15.48 -3.86
CA LYS A 45 -1.28 15.53 -3.50
C LYS A 45 -0.91 16.98 -3.27
N GLU A 46 -1.00 17.41 -2.01
CA GLU A 46 -0.73 18.80 -1.65
C GLU A 46 0.67 18.88 -1.04
N GLY A 47 1.67 18.74 -1.89
CA GLY A 47 3.06 18.81 -1.50
C GLY A 47 3.66 17.43 -1.35
N VAL A 48 4.33 16.92 -2.38
CA VAL A 48 4.88 15.58 -2.33
C VAL A 48 6.10 15.53 -3.24
N VAL A 49 6.97 14.57 -2.98
CA VAL A 49 8.10 14.24 -3.83
C VAL A 49 8.09 12.74 -4.03
N HIS A 50 8.30 12.28 -5.26
CA HIS A 50 8.40 10.85 -5.47
C HIS A 50 9.17 10.56 -6.75
N ASP A 51 9.55 9.30 -6.90
CA ASP A 51 10.29 8.84 -8.07
C ASP A 51 11.62 9.57 -8.22
N VAL A 52 12.34 9.71 -7.11
CA VAL A 52 13.65 10.33 -7.10
C VAL A 52 14.66 9.19 -7.26
N THR A 53 15.19 9.05 -8.48
CA THR A 53 16.17 8.03 -8.80
C THR A 53 17.56 8.62 -8.93
N THR A 54 18.54 7.95 -8.35
CA THR A 54 19.91 8.45 -8.36
C THR A 54 20.86 7.28 -8.58
N VAL A 55 21.52 7.26 -9.74
CA VAL A 55 22.47 6.21 -10.09
C VAL A 55 23.85 6.86 -10.17
N ALA A 56 24.71 6.56 -9.21
CA ALA A 56 26.07 7.11 -9.17
C ALA A 56 27.05 5.95 -9.25
N GLU A 57 27.66 5.75 -10.42
CA GLU A 57 28.57 4.65 -10.62
C GLU A 57 29.99 5.15 -10.87
N LYS A 58 30.92 4.67 -10.05
CA LYS A 58 32.35 4.98 -10.18
C LYS A 58 32.61 6.48 -10.07
N THR A 59 32.27 7.02 -8.90
CA THR A 59 32.48 8.43 -8.58
C THR A 59 33.67 8.61 -7.66
N LYS A 60 33.93 9.87 -7.32
CA LYS A 60 35.01 10.23 -6.42
C LYS A 60 34.83 11.68 -6.03
N GLU A 61 34.89 11.97 -4.73
CA GLU A 61 34.75 13.32 -4.22
C GLU A 61 35.89 13.64 -3.27
N GLN A 62 36.14 14.93 -3.07
CA GLN A 62 37.32 15.34 -2.33
C GLN A 62 37.05 16.58 -1.49
N VAL A 63 35.78 16.78 -1.10
CA VAL A 63 35.38 18.00 -0.42
C VAL A 63 36.30 18.30 0.76
N THR A 64 36.64 19.57 0.92
CA THR A 64 37.57 20.03 1.96
C THR A 64 37.00 21.27 2.64
N ASN A 65 35.76 21.20 3.06
CA ASN A 65 35.09 22.33 3.68
C ASN A 65 35.87 22.83 4.89
N VAL A 66 35.96 24.16 5.03
CA VAL A 66 36.69 24.78 6.12
C VAL A 66 35.82 25.80 6.87
N GLY A 67 34.52 25.79 6.68
CA GLY A 67 33.66 26.79 7.26
C GLY A 67 32.58 27.17 6.26
N GLY A 68 31.33 27.24 6.71
CA GLY A 68 30.24 27.39 5.77
C GLY A 68 29.43 26.12 5.68
N ALA A 69 29.12 25.64 4.48
CA ALA A 69 28.28 24.46 4.36
C ALA A 69 28.44 23.84 2.97
N VAL A 70 28.67 22.54 2.93
CA VAL A 70 28.77 21.82 1.68
C VAL A 70 27.72 20.72 1.72
N VAL A 71 26.83 20.70 0.74
CA VAL A 71 25.71 19.77 0.72
C VAL A 71 25.72 19.07 -0.64
N THR A 72 26.31 17.89 -0.70
CA THR A 72 26.41 17.15 -1.95
C THR A 72 25.63 15.84 -1.93
N GLY A 73 24.58 15.76 -1.13
CA GLY A 73 23.74 14.57 -1.05
C GLY A 73 22.53 14.66 -1.95
N VAL A 74 21.48 13.93 -1.57
CA VAL A 74 20.19 13.97 -2.24
C VAL A 74 19.15 14.27 -1.17
N THR A 75 18.54 15.45 -1.26
CA THR A 75 17.57 15.92 -0.30
C THR A 75 16.19 15.97 -0.93
N ALA A 76 15.16 15.83 -0.10
CA ALA A 76 13.79 15.85 -0.57
C ALA A 76 12.91 16.34 0.57
N VAL A 77 12.58 17.62 0.55
CA VAL A 77 11.67 18.21 1.51
C VAL A 77 10.27 18.21 0.90
N ALA A 78 9.26 18.08 1.75
CA ALA A 78 7.88 18.03 1.29
C ALA A 78 7.00 18.50 2.44
N GLN A 79 6.54 19.75 2.35
CA GLN A 79 5.73 20.34 3.39
C GLN A 79 4.36 20.72 2.84
N LYS A 80 3.42 20.91 3.76
CA LYS A 80 2.09 21.40 3.42
C LYS A 80 1.88 22.86 3.78
N THR A 81 2.46 23.34 4.88
CA THR A 81 2.16 24.69 5.33
C THR A 81 3.29 25.16 6.23
N VAL A 82 3.76 26.38 5.99
CA VAL A 82 4.74 27.00 6.86
C VAL A 82 4.34 28.44 7.13
N GLU A 83 3.86 28.70 8.33
CA GLU A 83 3.40 30.02 8.72
C GLU A 83 4.57 30.82 9.30
N GLY A 84 4.28 31.92 9.97
CA GLY A 84 5.30 32.58 10.77
C GLY A 84 6.03 33.65 10.00
N ALA A 85 6.26 34.76 10.69
CA ALA A 85 6.80 35.96 10.07
C ALA A 85 8.32 35.96 10.13
N GLY A 86 8.92 35.11 9.31
CA GLY A 86 10.37 35.03 9.24
C GLY A 86 10.88 33.62 9.07
N SER A 87 9.97 32.67 8.99
CA SER A 87 10.33 31.26 8.87
C SER A 87 11.25 31.02 7.67
N ILE A 88 12.21 30.12 7.84
CA ILE A 88 13.22 29.87 6.81
C ILE A 88 13.07 28.42 6.36
N ALA A 89 11.82 27.95 6.26
CA ALA A 89 11.53 26.57 5.90
C ALA A 89 12.34 26.10 4.71
N ALA A 90 12.76 24.84 4.77
CA ALA A 90 13.42 24.17 3.65
C ALA A 90 14.69 24.90 3.21
N ALA A 91 15.66 24.92 4.12
CA ALA A 91 16.99 25.45 3.84
C ALA A 91 17.93 24.27 3.61
N THR A 92 18.91 24.46 2.72
CA THR A 92 19.89 23.41 2.41
C THR A 92 21.18 24.11 1.97
N GLY A 93 22.11 24.26 2.91
CA GLY A 93 23.32 25.01 2.67
C GLY A 93 23.29 26.43 3.22
N PHE A 94 22.66 26.65 4.36
CA PHE A 94 22.43 27.98 4.87
C PHE A 94 23.57 28.42 5.78
N VAL A 95 23.93 29.70 5.70
CA VAL A 95 25.05 30.24 6.47
C VAL A 95 24.67 31.50 7.22
N LYS A 96 23.44 31.59 7.72
CA LYS A 96 22.91 32.87 8.14
C LYS A 96 23.66 33.45 9.33
N LYS A 97 24.66 34.30 9.07
CA LYS A 97 25.58 34.73 10.11
C LYS A 97 25.75 36.25 10.11
N ASP A 98 25.65 36.86 11.29
CA ASP A 98 26.02 38.26 11.46
C ASP A 98 27.50 38.34 11.81
N VAL B 37 -17.99 18.00 4.10
CA VAL B 37 -16.89 17.31 3.45
C VAL B 37 -17.07 15.81 3.58
N LEU B 38 -16.73 15.06 2.54
CA LEU B 38 -16.67 13.60 2.67
C LEU B 38 -15.88 13.00 1.54
N TYR B 39 -15.20 11.90 1.82
CA TYR B 39 -14.36 11.20 0.87
C TYR B 39 -14.83 9.75 0.80
N VAL B 40 -15.11 9.26 -0.40
CA VAL B 40 -15.56 7.89 -0.58
C VAL B 40 -14.60 7.19 -1.52
N GLY B 41 -13.97 6.12 -1.05
CA GLY B 41 -13.03 5.36 -1.83
C GLY B 41 -11.92 6.19 -2.45
N SER B 42 -11.40 7.15 -1.70
CA SER B 42 -10.44 8.12 -2.20
C SER B 42 -9.16 8.08 -1.37
N LYS B 43 -8.26 9.02 -1.64
CA LYS B 43 -6.94 9.05 -1.03
C LYS B 43 -6.46 10.50 -0.95
N THR B 44 -5.53 10.76 -0.04
CA THR B 44 -4.99 12.10 0.18
C THR B 44 -3.52 11.97 0.57
N LYS B 45 -2.74 13.00 0.24
CA LYS B 45 -1.33 13.02 0.58
C LYS B 45 -0.92 14.48 0.82
N GLU B 46 -0.99 14.90 2.08
CA GLU B 46 -0.70 16.28 2.44
C GLU B 46 0.71 16.35 3.03
N GLY B 47 1.70 16.19 2.17
CA GLY B 47 3.09 16.23 2.55
C GLY B 47 3.66 14.84 2.69
N VAL B 48 4.31 14.32 1.65
CA VAL B 48 4.86 12.98 1.69
C VAL B 48 6.05 12.90 0.77
N VAL B 49 6.91 11.93 1.02
CA VAL B 49 8.03 11.58 0.16
C VAL B 49 7.98 10.09 -0.04
N HIS B 50 8.18 9.62 -1.27
CA HIS B 50 8.27 8.19 -1.48
C HIS B 50 9.02 7.89 -2.77
N ASP B 51 9.36 6.62 -2.93
CA ASP B 51 10.09 6.15 -4.10
C ASP B 51 11.42 6.85 -4.26
N VAL B 52 12.16 6.98 -3.15
CA VAL B 52 13.49 7.58 -3.16
C VAL B 52 14.47 6.43 -3.34
N THR B 53 14.99 6.29 -4.55
CA THR B 53 15.94 5.24 -4.89
C THR B 53 17.34 5.82 -5.04
N THR B 54 18.32 5.11 -4.46
CA THR B 54 19.70 5.61 -4.49
C THR B 54 20.63 4.42 -4.72
N VAL B 55 21.28 4.39 -5.88
CA VAL B 55 22.21 3.33 -6.25
C VAL B 55 23.59 3.95 -6.34
N ALA B 56 24.46 3.64 -5.38
CA ALA B 56 25.82 4.16 -5.36
C ALA B 56 26.79 2.98 -5.45
N GLU B 57 27.38 2.78 -6.63
CA GLU B 57 28.27 1.66 -6.85
C GLU B 57 29.69 2.14 -7.10
N LYS B 58 30.63 1.64 -6.29
CA LYS B 58 32.06 1.93 -6.44
C LYS B 58 32.34 3.43 -6.32
N THR B 59 32.03 3.97 -5.16
CA THR B 59 32.26 5.37 -4.85
C THR B 59 33.46 5.54 -3.94
N LYS B 60 33.75 6.79 -3.60
CA LYS B 60 34.85 7.14 -2.70
C LYS B 60 34.70 8.59 -2.30
N GLU B 61 34.76 8.88 -1.01
CA GLU B 61 34.65 10.23 -0.49
C GLU B 61 35.81 10.53 0.45
N GLN B 62 36.08 11.81 0.65
CA GLN B 62 37.28 12.20 1.36
C GLN B 62 37.04 13.45 2.21
N VAL B 63 35.78 13.66 2.61
CA VAL B 63 35.40 14.89 3.31
C VAL B 63 36.34 15.17 4.47
N THR B 64 36.70 16.44 4.63
CA THR B 64 37.64 16.88 5.65
C THR B 64 37.11 18.13 6.35
N ASN B 65 35.86 18.08 6.77
CA ASN B 65 35.22 19.22 7.41
C ASN B 65 36.02 19.71 8.61
N VAL B 66 36.13 21.03 8.75
CA VAL B 66 36.89 21.64 9.83
C VAL B 66 36.05 22.67 10.59
N GLY B 67 34.74 22.68 10.41
CA GLY B 67 33.90 23.70 11.00
C GLY B 67 32.82 24.10 10.02
N GLY B 68 31.58 24.18 10.48
CA GLY B 68 30.48 24.35 9.54
C GLY B 68 29.65 23.09 9.47
N ALA B 69 29.32 22.63 8.27
CA ALA B 69 28.46 21.46 8.15
C ALA B 69 28.59 20.84 6.78
N VAL B 70 28.80 19.53 6.73
CA VAL B 70 28.89 18.81 5.48
C VAL B 70 27.81 17.73 5.53
N VAL B 71 26.91 17.73 4.55
CA VAL B 71 25.77 16.83 4.54
C VAL B 71 25.75 16.12 3.19
N THR B 72 26.33 14.92 3.12
CA THR B 72 26.41 14.19 1.86
C THR B 72 25.61 12.89 1.88
N GLY B 73 24.56 12.82 2.70
CA GLY B 73 23.70 11.67 2.79
C GLY B 73 22.48 11.76 1.89
N VAL B 74 21.43 11.04 2.28
CA VAL B 74 20.13 11.10 1.64
C VAL B 74 19.10 11.42 2.70
N THR B 75 18.52 12.62 2.63
CA THR B 75 17.56 13.10 3.61
C THR B 75 16.17 13.17 2.97
N ALA B 76 15.16 13.06 3.83
CA ALA B 76 13.78 13.10 3.37
C ALA B 76 12.92 13.59 4.52
N VAL B 77 12.62 14.88 4.50
CA VAL B 77 11.72 15.49 5.47
C VAL B 77 10.31 15.51 4.87
N ALA B 78 9.31 15.39 5.74
CA ALA B 78 7.93 15.37 5.29
C ALA B 78 7.06 15.86 6.45
N GLN B 79 6.63 17.11 6.37
CA GLN B 79 5.83 17.71 7.41
C GLN B 79 4.47 18.12 6.88
N LYS B 80 3.54 18.31 7.80
CA LYS B 80 2.21 18.83 7.48
C LYS B 80 2.04 20.29 7.85
N THR B 81 2.63 20.76 8.93
CA THR B 81 2.36 22.11 9.39
C THR B 81 3.50 22.58 10.28
N VAL B 82 3.99 23.79 10.04
CA VAL B 82 5.00 24.38 10.90
C VAL B 82 4.62 25.84 11.18
N GLU B 83 4.15 26.10 12.38
CA GLU B 83 3.72 27.43 12.78
C GLU B 83 4.91 28.20 13.34
N GLY B 84 4.64 29.30 14.01
CA GLY B 84 5.68 29.94 14.80
C GLY B 84 6.41 31.01 14.03
N ALA B 85 6.68 32.12 14.72
CA ALA B 85 7.23 33.31 14.08
C ALA B 85 8.75 33.28 14.14
N GLY B 86 9.32 32.42 13.31
CA GLY B 86 10.77 32.31 13.23
C GLY B 86 11.27 30.91 13.05
N SER B 87 10.33 29.96 12.98
CA SER B 87 10.67 28.55 12.86
C SER B 87 11.57 28.30 11.65
N ILE B 88 12.52 27.38 11.80
CA ILE B 88 13.51 27.11 10.76
C ILE B 88 13.33 25.67 10.32
N ALA B 89 12.08 25.23 10.23
CA ALA B 89 11.76 23.85 9.88
C ALA B 89 12.56 23.36 8.67
N ALA B 90 12.96 22.09 8.72
CA ALA B 90 13.60 21.41 7.59
C ALA B 90 14.87 22.12 7.14
N ALA B 91 15.85 22.13 8.05
CA ALA B 91 17.19 22.63 7.75
C ALA B 91 18.11 21.44 7.51
N THR B 92 19.08 21.61 6.61
CA THR B 92 20.04 20.55 6.29
C THR B 92 21.33 21.22 5.85
N GLY B 93 22.28 21.36 6.76
CA GLY B 93 23.49 22.11 6.53
C GLY B 93 23.49 23.51 7.07
N PHE B 94 22.88 23.74 8.21
CA PHE B 94 22.66 25.08 8.73
C PHE B 94 23.84 25.49 9.63
N VAL B 95 24.21 26.77 9.54
CA VAL B 95 25.35 27.28 10.30
C VAL B 95 24.99 28.56 11.06
N LYS B 96 23.76 28.66 11.57
CA LYS B 96 23.26 29.96 12.01
C LYS B 96 24.04 30.52 13.18
N LYS B 97 25.05 31.35 12.91
CA LYS B 97 25.99 31.77 13.94
C LYS B 97 26.18 33.28 13.94
N ASP B 98 26.10 33.88 15.12
CA ASP B 98 26.50 35.29 15.29
C ASP B 98 27.98 35.34 15.63
N VAL C 37 -17.92 15.77 8.35
CA VAL C 37 -16.83 15.05 7.69
C VAL C 37 -17.04 13.56 7.83
N LEU C 38 -16.71 12.80 6.78
CA LEU C 38 -16.69 11.35 6.92
C LEU C 38 -15.92 10.73 5.76
N TYR C 39 -15.25 9.62 6.04
CA TYR C 39 -14.43 8.91 5.08
C TYR C 39 -14.93 7.47 5.02
N VAL C 40 -15.22 6.98 3.81
CA VAL C 40 -15.70 5.62 3.64
C VAL C 40 -14.75 4.91 2.69
N GLY C 41 -14.15 3.82 3.15
CA GLY C 41 -13.22 3.05 2.35
C GLY C 41 -12.12 3.87 1.73
N SER C 42 -11.57 4.82 2.48
CA SER C 42 -10.59 5.77 1.96
C SER C 42 -9.31 5.70 2.78
N LYS C 43 -8.39 6.63 2.50
CA LYS C 43 -7.07 6.65 3.10
C LYS C 43 -6.57 8.08 3.19
N THR C 44 -5.62 8.33 4.09
CA THR C 44 -5.06 9.65 4.29
C THR C 44 -3.60 9.51 4.68
N LYS C 45 -2.79 10.52 4.34
CA LYS C 45 -1.37 10.51 4.66
C LYS C 45 -0.95 11.96 4.91
N GLU C 46 -1.00 12.39 6.16
CA GLU C 46 -0.67 13.77 6.52
C GLU C 46 0.74 13.81 7.11
N GLY C 47 1.71 13.64 6.22
CA GLY C 47 3.11 13.66 6.59
C GLY C 47 3.67 12.25 6.73
N VAL C 48 4.30 11.73 5.68
CA VAL C 48 4.82 10.36 5.71
C VAL C 48 6.01 10.28 4.77
N VAL C 49 6.85 9.29 5.03
CA VAL C 49 7.96 8.93 4.14
C VAL C 49 7.88 7.43 3.95
N HIS C 50 8.05 6.97 2.71
CA HIS C 50 8.11 5.53 2.50
C HIS C 50 8.84 5.23 1.20
N ASP C 51 9.17 3.96 1.04
CA ASP C 51 9.88 3.47 -0.14
C ASP C 51 11.23 4.16 -0.31
N VAL C 52 11.97 4.26 0.78
CA VAL C 52 13.31 4.83 0.75
C VAL C 52 14.27 3.68 0.57
N THR C 53 14.78 3.52 -0.65
CA THR C 53 15.71 2.46 -0.99
C THR C 53 17.11 3.01 -1.14
N THR C 54 18.09 2.30 -0.59
CA THR C 54 19.47 2.76 -0.63
C THR C 54 20.38 1.56 -0.87
N VAL C 55 21.01 1.52 -2.04
CA VAL C 55 21.93 0.45 -2.41
C VAL C 55 23.32 1.05 -2.52
N ALA C 56 24.19 0.72 -1.58
CA ALA C 56 25.56 1.23 -1.56
C ALA C 56 26.51 0.03 -1.67
N GLU C 57 27.08 -0.19 -2.85
CA GLU C 57 27.96 -1.32 -3.07
C GLU C 57 29.38 -0.87 -3.35
N LYS C 58 30.32 -1.37 -2.55
CA LYS C 58 31.75 -1.11 -2.71
C LYS C 58 32.07 0.39 -2.59
N THR C 59 31.77 0.93 -1.41
CA THR C 59 32.02 2.33 -1.11
C THR C 59 33.24 2.47 -0.21
N LYS C 60 33.56 3.72 0.13
CA LYS C 60 34.67 4.04 1.01
C LYS C 60 34.54 5.50 1.42
N GLU C 61 34.63 5.78 2.71
CA GLU C 61 34.54 7.14 3.23
C GLU C 61 35.71 7.41 4.14
N GLN C 62 36.01 8.70 4.35
CA GLN C 62 37.22 9.06 5.06
C GLN C 62 37.01 10.31 5.91
N VAL C 63 35.75 10.55 6.32
CA VAL C 63 35.40 11.78 7.02
C VAL C 63 36.36 12.04 8.17
N THR C 64 36.74 13.30 8.33
CA THR C 64 37.70 13.74 9.35
C THR C 64 37.20 14.99 10.05
N ASN C 65 35.95 14.95 10.49
CA ASN C 65 35.34 16.11 11.13
C ASN C 65 36.15 16.58 12.32
N VAL C 66 36.30 17.89 12.46
CA VAL C 66 37.06 18.50 13.54
C VAL C 66 36.25 19.54 14.31
N GLY C 67 34.94 19.58 14.14
CA GLY C 67 34.13 20.60 14.74
C GLY C 67 33.04 21.02 13.77
N GLY C 68 31.81 21.12 14.24
CA GLY C 68 30.71 21.31 13.32
C GLY C 68 29.85 20.08 13.25
N ALA C 69 29.50 19.61 12.05
CA ALA C 69 28.62 18.46 11.95
C ALA C 69 28.73 17.84 10.57
N VAL C 70 28.93 16.53 10.51
CA VAL C 70 28.97 15.81 9.25
C VAL C 70 27.88 14.75 9.31
N VAL C 71 26.98 14.75 8.34
CA VAL C 71 25.83 13.86 8.35
C VAL C 71 25.79 13.17 7.00
N THR C 72 26.34 11.96 6.92
CA THR C 72 26.39 11.24 5.67
C THR C 72 25.57 9.94 5.69
N GLY C 73 24.52 9.90 6.52
CA GLY C 73 23.65 8.74 6.61
C GLY C 73 22.42 8.86 5.74
N VAL C 74 21.36 8.16 6.14
CA VAL C 74 20.06 8.25 5.50
C VAL C 74 19.05 8.59 6.58
N THR C 75 18.48 9.78 6.51
CA THR C 75 17.54 10.29 7.49
C THR C 75 16.15 10.38 6.89
N ALA C 76 15.14 10.27 7.74
CA ALA C 76 13.76 10.35 7.30
C ALA C 76 12.92 10.86 8.46
N VAL C 77 12.63 12.14 8.45
CA VAL C 77 11.75 12.76 9.42
C VAL C 77 10.35 12.80 8.84
N ALA C 78 9.36 12.71 9.72
CA ALA C 78 7.96 12.71 9.29
C ALA C 78 7.12 13.21 10.45
N GLN C 79 6.70 14.46 10.38
CA GLN C 79 5.93 15.08 11.43
C GLN C 79 4.56 15.50 10.91
N LYS C 80 3.65 15.72 11.84
CA LYS C 80 2.33 16.26 11.54
C LYS C 80 2.17 17.72 11.91
N THR C 81 2.79 18.18 12.98
CA THR C 81 2.54 19.54 13.45
C THR C 81 3.70 19.97 14.33
N VAL C 82 4.21 21.18 14.08
CA VAL C 82 5.24 21.77 14.93
C VAL C 82 4.88 23.21 15.21
N GLU C 83 4.44 23.49 16.43
CA GLU C 83 4.02 24.83 16.82
C GLU C 83 5.23 25.57 17.37
N GLY C 84 5.00 26.68 18.06
CA GLY C 84 6.05 27.30 18.83
C GLY C 84 6.79 28.37 18.06
N ALA C 85 7.08 29.47 18.75
CA ALA C 85 7.64 30.65 18.10
C ALA C 85 9.18 30.59 18.14
N GLY C 86 9.72 29.72 17.30
CA GLY C 86 11.16 29.59 17.22
C GLY C 86 11.63 28.17 17.03
N SER C 87 10.68 27.25 16.96
CA SER C 87 11.00 25.84 16.83
C SER C 87 11.88 25.57 15.61
N ILE C 88 12.82 24.64 15.76
CA ILE C 88 13.80 24.35 14.72
C ILE C 88 13.59 22.91 14.26
N ALA C 89 12.33 22.48 14.19
CA ALA C 89 11.98 21.11 13.84
C ALA C 89 12.75 20.62 12.63
N ALA C 90 13.13 19.35 12.66
CA ALA C 90 13.75 18.65 11.54
C ALA C 90 15.04 19.35 11.08
N ALA C 91 16.02 19.34 11.96
CA ALA C 91 17.37 19.81 11.66
C ALA C 91 18.26 18.61 11.41
N THR C 92 19.23 18.76 10.50
CA THR C 92 20.17 17.70 10.16
C THR C 92 21.46 18.34 9.70
N GLY C 93 22.41 18.46 10.62
CA GLY C 93 23.65 19.18 10.37
C GLY C 93 23.67 20.59 10.91
N PHE C 94 23.08 20.83 12.06
CA PHE C 94 22.89 22.17 12.58
C PHE C 94 24.07 22.56 13.47
N VAL C 95 24.47 23.84 13.38
CA VAL C 95 25.63 24.33 14.13
C VAL C 95 25.29 25.61 14.89
N LYS C 96 24.08 25.73 15.42
CA LYS C 96 23.61 27.04 15.86
C LYS C 96 24.40 27.58 17.03
N LYS C 97 25.42 28.39 16.75
CA LYS C 97 26.37 28.80 17.77
C LYS C 97 26.60 30.30 17.78
N ASP C 98 26.54 30.91 18.95
CA ASP C 98 26.96 32.30 19.11
C ASP C 98 28.44 32.33 19.45
N VAL D 37 -17.83 13.52 12.61
CA VAL D 37 -16.78 12.79 11.94
C VAL D 37 -16.99 11.30 12.07
N LEU D 38 -16.70 10.54 11.03
CA LEU D 38 -16.69 9.08 11.16
C LEU D 38 -15.95 8.46 9.99
N TYR D 39 -15.29 7.33 10.27
CA TYR D 39 -14.49 6.60 9.29
C TYR D 39 -15.02 5.18 9.23
N VAL D 40 -15.33 4.70 8.03
CA VAL D 40 -15.84 3.34 7.86
C VAL D 40 -14.91 2.61 6.90
N GLY D 41 -14.32 1.52 7.36
CA GLY D 41 -13.41 0.74 6.55
C GLY D 41 -12.30 1.54 5.92
N SER D 42 -11.73 2.48 6.66
CA SER D 42 -10.74 3.42 6.14
C SER D 42 -9.44 3.32 6.94
N LYS D 43 -8.52 4.23 6.65
CA LYS D 43 -7.19 4.23 7.24
C LYS D 43 -6.67 5.66 7.31
N THR D 44 -5.71 5.88 8.21
CA THR D 44 -5.12 7.20 8.41
C THR D 44 -3.66 7.03 8.78
N LYS D 45 -2.84 8.03 8.44
CA LYS D 45 -1.42 8.01 8.75
C LYS D 45 -0.97 9.44 8.99
N GLU D 46 -1.00 9.87 10.24
CA GLU D 46 -0.64 11.23 10.60
C GLU D 46 0.77 11.25 11.16
N GLY D 47 1.74 11.07 10.28
CA GLY D 47 3.14 11.06 10.64
C GLY D 47 3.68 9.66 10.76
N VAL D 48 4.28 9.12 9.71
CA VAL D 48 4.78 7.75 9.73
C VAL D 48 5.96 7.65 8.78
N VAL D 49 6.79 6.64 9.02
CA VAL D 49 7.87 6.26 8.13
C VAL D 49 7.78 4.76 7.93
N HIS D 50 7.93 4.30 6.69
CA HIS D 50 7.96 2.87 6.47
C HIS D 50 8.67 2.54 5.17
N ASP D 51 8.98 1.27 5.00
CA ASP D 51 9.67 0.77 3.82
C ASP D 51 11.02 1.44 3.64
N VAL D 52 11.78 1.53 4.72
CA VAL D 52 13.13 2.09 4.68
C VAL D 52 14.07 0.91 4.48
N THR D 53 14.56 0.75 3.26
CA THR D 53 15.47 -0.33 2.91
C THR D 53 16.88 0.20 2.73
N THR D 54 17.85 -0.53 3.28
CA THR D 54 19.24 -0.09 3.23
C THR D 54 20.13 -1.30 2.97
N VAL D 55 20.75 -1.35 1.81
CA VAL D 55 21.64 -2.44 1.41
C VAL D 55 23.03 -1.86 1.30
N ALA D 56 23.92 -2.20 2.22
CA ALA D 56 25.30 -1.72 2.23
C ALA D 56 26.22 -2.92 2.11
N GLU D 57 26.77 -3.16 0.93
CA GLU D 57 27.63 -4.30 0.69
C GLU D 57 29.06 -3.87 0.41
N LYS D 58 30.00 -4.39 1.20
CA LYS D 58 31.43 -4.16 1.02
C LYS D 58 31.78 -2.66 1.13
N THR D 59 31.50 -2.12 2.31
CA THR D 59 31.78 -0.73 2.61
C THR D 59 33.01 -0.60 3.50
N LYS D 60 33.34 0.64 3.84
CA LYS D 60 34.47 0.94 4.71
C LYS D 60 34.37 2.40 5.12
N GLU D 61 34.48 2.68 6.41
CA GLU D 61 34.42 4.04 6.93
C GLU D 61 35.61 4.29 7.84
N GLN D 62 35.92 5.56 8.04
CA GLN D 62 37.15 5.91 8.74
C GLN D 62 36.96 7.16 9.60
N VAL D 63 35.72 7.42 10.01
CA VAL D 63 35.40 8.66 10.72
C VAL D 63 36.37 8.90 11.87
N THR D 64 36.78 10.15 12.02
CA THR D 64 37.75 10.57 13.03
C THR D 64 37.28 11.83 13.74
N ASN D 65 36.03 11.81 14.19
CA ASN D 65 35.44 12.98 14.84
C ASN D 65 36.28 13.44 16.03
N VAL D 66 36.45 14.75 16.17
CA VAL D 66 37.24 15.34 17.23
C VAL D 66 36.45 16.39 18.01
N GLY D 67 35.14 16.45 17.86
CA GLY D 67 34.35 17.50 18.47
C GLY D 67 33.26 17.92 17.51
N GLY D 68 32.03 18.05 17.99
CA GLY D 68 30.92 18.26 17.08
C GLY D 68 30.04 17.03 17.03
N ALA D 69 29.68 16.57 15.82
CA ALA D 69 28.78 15.44 15.73
C ALA D 69 28.85 14.82 14.35
N VAL D 70 29.03 13.51 14.29
CA VAL D 70 29.05 12.78 13.03
C VAL D 70 27.96 11.75 13.10
N VAL D 71 27.03 11.77 12.14
CA VAL D 71 25.86 10.90 12.15
C VAL D 71 25.79 10.20 10.80
N THR D 72 26.34 8.99 10.71
CA THR D 72 26.36 8.26 9.46
C THR D 72 25.52 6.98 9.50
N GLY D 73 24.48 6.95 10.33
CA GLY D 73 23.59 5.81 10.44
C GLY D 73 22.36 5.95 9.57
N VAL D 74 21.29 5.27 9.99
CA VAL D 74 19.98 5.38 9.36
C VAL D 74 18.99 5.72 10.45
N THR D 75 18.44 6.94 10.39
CA THR D 75 17.52 7.45 11.38
C THR D 75 16.13 7.57 10.79
N ALA D 76 15.12 7.48 11.66
CA ALA D 76 13.73 7.58 11.21
C ALA D 76 12.92 8.10 12.39
N VAL D 77 12.65 9.39 12.38
CA VAL D 77 11.80 10.03 13.38
C VAL D 77 10.38 10.09 12.81
N ALA D 78 9.39 10.01 13.69
CA ALA D 78 8.00 10.03 13.27
C ALA D 78 7.17 10.54 14.44
N GLN D 79 6.78 11.81 14.38
CA GLN D 79 6.02 12.44 15.44
C GLN D 79 4.66 12.89 14.94
N LYS D 80 3.76 13.11 15.88
CA LYS D 80 2.45 13.67 15.59
C LYS D 80 2.32 15.14 15.96
N THR D 81 2.96 15.58 17.03
CA THR D 81 2.74 16.95 17.50
C THR D 81 3.92 17.36 18.36
N VAL D 82 4.43 18.56 18.12
CA VAL D 82 5.49 19.12 18.96
C VAL D 82 5.16 20.58 19.24
N GLU D 83 4.73 20.86 20.46
CA GLU D 83 4.34 22.20 20.87
C GLU D 83 5.57 22.94 21.41
N GLY D 84 5.35 24.04 22.09
CA GLY D 84 6.43 24.64 22.86
C GLY D 84 7.18 25.70 22.08
N ALA D 85 7.49 26.79 22.76
CA ALA D 85 8.07 27.96 22.12
C ALA D 85 9.59 27.88 22.14
N GLY D 86 10.12 27.01 21.30
CA GLY D 86 11.56 26.85 21.20
C GLY D 86 12.00 25.42 21.00
N SER D 87 11.04 24.51 20.95
CA SER D 87 11.33 23.09 20.80
C SER D 87 12.19 22.82 19.58
N ILE D 88 13.12 21.87 19.72
CA ILE D 88 14.07 21.57 18.66
C ILE D 88 13.85 20.13 18.21
N ALA D 89 12.58 19.74 18.15
CA ALA D 89 12.20 18.37 17.80
C ALA D 89 12.96 17.86 16.58
N ALA D 90 13.31 16.58 16.61
CA ALA D 90 13.90 15.88 15.47
C ALA D 90 15.20 16.55 15.00
N ALA D 91 16.19 16.52 15.88
CA ALA D 91 17.54 16.97 15.55
C ALA D 91 18.42 15.76 15.30
N THR D 92 19.37 15.90 14.38
CA THR D 92 20.29 14.82 14.03
C THR D 92 21.60 15.44 13.57
N GLY D 93 22.57 15.55 14.47
CA GLY D 93 23.80 16.24 14.20
C GLY D 93 23.85 17.65 14.75
N PHE D 94 23.28 17.90 15.90
CA PHE D 94 23.12 19.24 16.43
C PHE D 94 24.32 19.61 17.30
N VAL D 95 24.73 20.88 17.22
CA VAL D 95 25.90 21.35 17.96
C VAL D 95 25.59 22.64 18.71
N LYS D 96 24.40 22.78 19.25
CA LYS D 96 23.94 24.10 19.70
C LYS D 96 24.76 24.62 20.87
N LYS D 97 25.80 25.42 20.58
CA LYS D 97 26.76 25.81 21.60
C LYS D 97 27.01 27.31 21.59
N ASP D 98 26.97 27.92 22.77
CA ASP D 98 27.42 29.30 22.94
C ASP D 98 28.91 29.30 23.25
N VAL E 37 -17.77 11.26 16.87
CA VAL E 37 -16.72 10.52 16.18
C VAL E 37 -16.97 9.04 16.31
N LEU E 38 -16.70 8.27 15.27
CA LEU E 38 -16.70 6.81 15.39
C LEU E 38 -15.98 6.17 14.22
N TYR E 39 -15.35 5.04 14.49
CA TYR E 39 -14.56 4.31 13.51
C TYR E 39 -15.11 2.89 13.45
N VAL E 40 -15.45 2.42 12.25
CA VAL E 40 -15.97 1.07 12.09
C VAL E 40 -15.07 0.33 11.12
N GLY E 41 -14.49 -0.78 11.57
CA GLY E 41 -13.61 -1.58 10.75
C GLY E 41 -12.49 -0.79 10.11
N SER E 42 -11.90 0.14 10.84
CA SER E 42 -10.89 1.06 10.31
C SER E 42 -9.60 0.94 11.10
N LYS E 43 -8.66 1.85 10.81
CA LYS E 43 -7.32 1.81 11.38
C LYS E 43 -6.77 3.23 11.46
N THR E 44 -5.81 3.44 12.34
CA THR E 44 -5.19 4.74 12.54
C THR E 44 -3.72 4.56 12.89
N LYS E 45 -2.90 5.54 12.53
CA LYS E 45 -1.47 5.49 12.83
C LYS E 45 -0.99 6.92 13.07
N GLU E 46 -1.01 7.35 14.32
CA GLU E 46 -0.63 8.71 14.68
C GLU E 46 0.79 8.70 15.23
N GLY E 47 1.75 8.50 14.33
CA GLY E 47 3.16 8.48 14.68
C GLY E 47 3.66 7.06 14.80
N VAL E 48 4.25 6.51 13.74
CA VAL E 48 4.73 5.14 13.76
C VAL E 48 5.89 5.01 12.80
N VAL E 49 6.71 4.00 13.02
CA VAL E 49 7.78 3.59 12.12
C VAL E 49 7.66 2.10 11.92
N HIS E 50 7.79 1.64 10.68
CA HIS E 50 7.79 0.21 10.47
C HIS E 50 8.50 -0.12 9.15
N ASP E 51 8.77 -1.41 8.97
CA ASP E 51 9.45 -1.91 7.78
C ASP E 51 10.80 -1.27 7.59
N VAL E 52 11.58 -1.19 8.67
CA VAL E 52 12.93 -0.65 8.62
C VAL E 52 13.85 -1.84 8.41
N THR E 53 14.33 -2.01 7.18
CA THR E 53 15.22 -3.11 6.81
C THR E 53 16.64 -2.60 6.63
N THR E 54 17.60 -3.34 7.17
CA THR E 54 18.99 -2.93 7.10
C THR E 54 19.86 -4.15 6.83
N VAL E 55 20.47 -4.21 5.66
CA VAL E 55 21.34 -5.31 5.25
C VAL E 55 22.74 -4.76 5.12
N ALA E 56 23.62 -5.12 6.05
CA ALA E 56 25.02 -4.66 6.04
C ALA E 56 25.92 -5.88 5.92
N GLU E 57 26.46 -6.12 4.72
CA GLU E 57 27.29 -7.28 4.48
C GLU E 57 28.72 -6.87 4.18
N LYS E 58 29.66 -7.41 4.95
CA LYS E 58 31.10 -7.19 4.77
C LYS E 58 31.46 -5.70 4.88
N THR E 59 31.21 -5.16 6.06
CA THR E 59 31.51 -3.77 6.37
C THR E 59 32.75 -3.67 7.24
N LYS E 60 33.11 -2.43 7.57
CA LYS E 60 34.25 -2.15 8.44
C LYS E 60 34.18 -0.69 8.85
N GLU E 61 34.30 -0.41 10.13
CA GLU E 61 34.27 0.95 10.66
C GLU E 61 35.48 1.18 11.56
N GLN E 62 35.81 2.45 11.76
CA GLN E 62 37.05 2.78 12.44
C GLN E 62 36.89 4.03 13.29
N VAL E 63 35.66 4.30 13.73
CA VAL E 63 35.36 5.54 14.44
C VAL E 63 36.35 5.77 15.58
N THR E 64 36.79 7.02 15.74
CA THR E 64 37.78 7.42 16.72
C THR E 64 37.32 8.69 17.44
N ASN E 65 36.09 8.69 17.91
CA ASN E 65 35.53 9.86 18.56
C ASN E 65 36.38 10.30 19.75
N VAL E 66 36.57 11.62 19.88
CA VAL E 66 37.37 12.19 20.95
C VAL E 66 36.62 13.25 21.73
N GLY E 67 35.30 13.33 21.59
CA GLY E 67 34.54 14.39 22.20
C GLY E 67 33.44 14.83 21.26
N GLY E 68 32.22 14.99 21.75
CA GLY E 68 31.10 15.21 20.86
C GLY E 68 30.21 14.00 20.80
N ALA E 69 29.83 13.54 19.61
CA ALA E 69 28.90 12.42 19.52
C ALA E 69 28.97 11.81 18.14
N VAL E 70 29.11 10.49 18.08
CA VAL E 70 29.11 9.77 16.82
C VAL E 70 28.00 8.75 16.90
N VAL E 71 27.07 8.79 15.95
CA VAL E 71 25.88 7.94 15.97
C VAL E 71 25.79 7.25 14.62
N THR E 72 26.32 6.03 14.53
CA THR E 72 26.31 5.29 13.27
C THR E 72 25.45 4.04 13.31
N GLY E 73 24.42 4.01 14.16
CA GLY E 73 23.51 2.89 14.27
C GLY E 73 22.27 3.06 13.42
N VAL E 74 21.20 2.39 13.84
CA VAL E 74 19.89 2.51 13.23
C VAL E 74 18.91 2.89 14.33
N THR E 75 18.38 4.10 14.27
CA THR E 75 17.48 4.64 15.28
C THR E 75 16.08 4.77 14.69
N ALA E 76 15.08 4.70 15.57
CA ALA E 76 13.70 4.81 15.15
C ALA E 76 12.90 5.36 16.33
N VAL E 77 12.65 6.64 16.33
CA VAL E 77 11.81 7.30 17.33
C VAL E 77 10.40 7.38 16.77
N ALA E 78 9.42 7.31 17.67
CA ALA E 78 8.02 7.37 17.27
C ALA E 78 7.21 7.89 18.45
N GLN E 79 6.84 9.16 18.38
CA GLN E 79 6.10 9.80 19.46
C GLN E 79 4.75 10.26 18.96
N LYS E 80 3.86 10.51 19.92
CA LYS E 80 2.55 11.09 19.64
C LYS E 80 2.46 12.56 20.01
N THR E 81 3.11 12.99 21.08
CA THR E 81 2.92 14.36 21.55
C THR E 81 4.10 14.75 22.40
N VAL E 82 4.64 15.94 22.15
CA VAL E 82 5.71 16.49 22.98
C VAL E 82 5.41 17.94 23.28
N GLU E 83 4.99 18.24 24.50
CA GLU E 83 4.64 19.58 24.90
C GLU E 83 5.88 20.29 25.43
N GLY E 84 5.70 21.40 26.13
CA GLY E 84 6.78 21.98 26.88
C GLY E 84 7.55 23.02 26.09
N ALA E 85 7.88 24.11 26.78
CA ALA E 85 8.47 25.28 26.13
C ALA E 85 10.00 25.17 26.14
N GLY E 86 10.50 24.29 25.28
CA GLY E 86 11.93 24.11 25.17
C GLY E 86 12.35 22.68 24.96
N SER E 87 11.37 21.79 24.93
CA SER E 87 11.64 20.36 24.78
C SER E 87 12.49 20.07 23.54
N ILE E 88 13.39 19.11 23.66
CA ILE E 88 14.34 18.79 22.61
C ILE E 88 14.08 17.36 22.15
N ALA E 89 12.80 16.98 22.10
CA ALA E 89 12.40 15.62 21.75
C ALA E 89 13.14 15.10 20.52
N ALA E 90 13.47 13.82 20.56
CA ALA E 90 14.04 13.11 19.42
C ALA E 90 15.34 13.76 18.93
N ALA E 91 16.34 13.72 19.80
CA ALA E 91 17.69 14.14 19.47
C ALA E 91 18.55 12.91 19.19
N THR E 92 19.49 13.04 18.27
CA THR E 92 20.39 11.95 17.91
C THR E 92 21.71 12.55 17.43
N GLY E 93 22.68 12.64 18.32
CA GLY E 93 23.93 13.31 18.05
C GLY E 93 24.01 14.73 18.59
N PHE E 94 23.44 14.98 19.76
CA PHE E 94 23.32 16.32 20.29
C PHE E 94 24.53 16.68 21.14
N VAL E 95 24.96 17.93 21.06
CA VAL E 95 26.14 18.39 21.78
C VAL E 95 25.87 19.68 22.55
N LYS E 96 24.68 19.83 23.10
CA LYS E 96 24.25 21.15 23.55
C LYS E 96 25.09 21.67 24.70
N LYS E 97 26.13 22.45 24.41
CA LYS E 97 27.12 22.82 25.41
C LYS E 97 27.39 24.31 25.41
N ASP E 98 27.37 24.92 26.59
CA ASP E 98 27.84 26.30 26.76
C ASP E 98 29.34 26.28 27.06
N VAL F 37 -17.66 9.03 21.11
CA VAL F 37 -16.63 8.28 20.42
C VAL F 37 -16.91 6.79 20.56
N LEU F 38 -16.66 6.01 19.50
CA LEU F 38 -16.69 4.56 19.63
C LEU F 38 -16.00 3.91 18.45
N TYR F 39 -15.36 2.77 18.71
CA TYR F 39 -14.62 2.02 17.72
C TYR F 39 -15.18 0.61 17.67
N VAL F 40 -15.54 0.14 16.47
CA VAL F 40 -16.10 -1.20 16.31
C VAL F 40 -15.21 -1.95 15.33
N GLY F 41 -14.65 -3.06 15.77
CA GLY F 41 -13.78 -3.88 14.94
C GLY F 41 -12.66 -3.12 14.29
N SER F 42 -12.04 -2.19 15.02
CA SER F 42 -11.03 -1.29 14.48
C SER F 42 -9.73 -1.42 15.26
N LYS F 43 -8.78 -0.54 14.95
CA LYS F 43 -7.43 -0.59 15.51
C LYS F 43 -6.87 0.82 15.59
N THR F 44 -5.88 1.01 16.46
CA THR F 44 -5.24 2.30 16.65
C THR F 44 -3.78 2.08 16.99
N LYS F 45 -2.94 3.06 16.62
CA LYS F 45 -1.51 2.99 16.91
C LYS F 45 -1.01 4.41 17.14
N GLU F 46 -1.00 4.83 18.39
CA GLU F 46 -0.60 6.19 18.76
C GLU F 46 0.83 6.15 19.29
N GLY F 47 1.77 5.94 18.38
CA GLY F 47 3.18 5.89 18.71
C GLY F 47 3.67 4.47 18.82
N VAL F 48 4.23 3.91 17.76
CA VAL F 48 4.69 2.52 17.76
C VAL F 48 5.85 2.38 16.80
N VAL F 49 6.64 1.35 17.01
CA VAL F 49 7.70 0.94 16.11
C VAL F 49 7.55 -0.56 15.90
N HIS F 50 7.66 -1.02 14.66
CA HIS F 50 7.64 -2.45 14.44
C HIS F 50 8.32 -2.79 13.13
N ASP F 51 8.58 -4.08 12.95
CA ASP F 51 9.22 -4.60 11.75
C ASP F 51 10.60 -3.97 11.54
N VAL F 52 11.38 -3.91 12.61
CA VAL F 52 12.75 -3.40 12.54
C VAL F 52 13.65 -4.61 12.33
N THR F 53 14.10 -4.78 11.09
CA THR F 53 14.96 -5.89 10.72
C THR F 53 16.40 -5.39 10.52
N THR F 54 17.35 -6.16 11.05
CA THR F 54 18.75 -5.77 10.97
C THR F 54 19.60 -7.01 10.69
N VAL F 55 20.19 -7.07 9.51
CA VAL F 55 21.04 -8.19 9.09
C VAL F 55 22.45 -7.66 8.95
N ALA F 56 23.34 -8.04 9.87
CA ALA F 56 24.73 -7.60 9.84
C ALA F 56 25.62 -8.84 9.71
N GLU F 57 26.14 -9.08 8.51
CA GLU F 57 26.95 -10.26 8.25
C GLU F 57 28.38 -9.87 7.94
N LYS F 58 29.32 -10.43 8.71
CA LYS F 58 30.76 -10.23 8.51
C LYS F 58 31.15 -8.76 8.61
N THR F 59 30.91 -8.21 9.80
CA THR F 59 31.25 -6.82 10.10
C THR F 59 32.49 -6.74 10.96
N LYS F 60 32.87 -5.51 11.29
CA LYS F 60 34.03 -5.25 12.15
C LYS F 60 33.99 -3.79 12.55
N GLU F 61 34.13 -3.51 13.84
CA GLU F 61 34.13 -2.16 14.37
C GLU F 61 35.35 -1.95 15.26
N GLN F 62 35.70 -0.68 15.46
CA GLN F 62 36.96 -0.37 16.12
C GLN F 62 36.83 0.88 16.98
N VAL F 63 35.61 1.18 17.43
CA VAL F 63 35.33 2.42 18.15
C VAL F 63 36.33 2.63 19.27
N THR F 64 36.79 3.88 19.42
CA THR F 64 37.80 4.25 20.40
C THR F 64 37.38 5.53 21.12
N ASN F 65 36.14 5.54 21.61
CA ASN F 65 35.61 6.73 22.26
C ASN F 65 36.48 7.15 23.44
N VAL F 66 36.70 8.47 23.58
CA VAL F 66 37.52 9.03 24.64
C VAL F 66 36.79 10.10 25.42
N GLY F 67 35.48 10.20 25.29
CA GLY F 67 34.73 11.27 25.92
C GLY F 67 33.64 11.74 24.99
N GLY F 68 32.42 11.91 25.50
CA GLY F 68 31.30 12.15 24.60
C GLY F 68 30.38 10.95 24.57
N ALA F 69 29.98 10.51 23.37
CA ALA F 69 29.05 9.40 23.29
C ALA F 69 29.07 8.79 21.91
N VAL F 70 29.21 7.48 21.85
CA VAL F 70 29.18 6.75 20.58
C VAL F 70 28.05 5.75 20.67
N VAL F 71 27.11 5.80 19.73
CA VAL F 71 25.91 4.98 19.77
C VAL F 71 25.79 4.28 18.42
N THR F 72 26.29 3.05 18.32
CA THR F 72 26.27 2.32 17.06
C THR F 72 25.39 1.08 17.12
N GLY F 73 24.36 1.08 17.97
CA GLY F 73 23.44 -0.03 18.09
C GLY F 73 22.19 0.15 17.25
N VAL F 74 21.11 -0.49 17.69
CA VAL F 74 19.80 -0.34 17.08
C VAL F 74 18.84 0.04 18.20
N THR F 75 18.33 1.26 18.15
CA THR F 75 17.44 1.81 19.16
C THR F 75 16.04 1.98 18.59
N ALA F 76 15.06 1.92 19.48
CA ALA F 76 13.66 2.06 19.07
C ALA F 76 12.88 2.60 20.27
N VAL F 77 12.66 3.90 20.26
CA VAL F 77 11.84 4.56 21.27
C VAL F 77 10.43 4.68 20.73
N ALA F 78 9.46 4.63 21.64
CA ALA F 78 8.06 4.70 21.25
C ALA F 78 7.28 5.23 22.44
N GLN F 79 6.92 6.51 22.38
CA GLN F 79 6.21 7.15 23.46
C GLN F 79 4.85 7.65 22.98
N LYS F 80 3.98 7.91 23.94
CA LYS F 80 2.68 8.51 23.68
C LYS F 80 2.60 9.98 24.06
N THR F 81 3.27 10.40 25.12
CA THR F 81 3.11 11.77 25.59
C THR F 81 4.31 12.15 26.43
N VAL F 82 4.87 13.32 26.18
CA VAL F 82 5.95 13.85 27.00
C VAL F 82 5.69 15.32 27.29
N GLU F 83 5.29 15.60 28.52
CA GLU F 83 4.96 16.96 28.93
C GLU F 83 6.21 17.65 29.45
N GLY F 84 6.05 18.76 30.14
CA GLY F 84 7.16 19.33 30.88
C GLY F 84 7.94 20.35 30.09
N ALA F 85 8.29 21.44 30.77
CA ALA F 85 8.90 22.59 30.12
C ALA F 85 10.41 22.46 30.10
N GLY F 86 10.89 21.57 29.25
CA GLY F 86 12.33 21.37 29.13
C GLY F 86 12.72 19.93 28.92
N SER F 87 11.73 19.05 28.88
CA SER F 87 11.97 17.62 28.73
C SER F 87 12.79 17.32 27.49
N ILE F 88 13.68 16.35 27.60
CA ILE F 88 14.61 16.01 26.53
C ILE F 88 14.33 14.59 26.08
N ALA F 89 13.04 14.23 26.04
CA ALA F 89 12.62 12.87 25.69
C ALA F 89 13.33 12.35 24.46
N ALA F 90 13.65 11.05 24.49
CA ALA F 90 14.20 10.33 23.34
C ALA F 90 15.49 10.96 22.84
N ALA F 91 16.51 10.91 23.70
CA ALA F 91 17.86 11.31 23.35
C ALA F 91 18.69 10.07 23.07
N THR F 92 19.64 10.18 22.14
CA THR F 92 20.51 9.07 21.77
C THR F 92 21.83 9.65 21.27
N GLY F 93 22.82 9.73 22.16
CA GLY F 93 24.07 10.38 21.87
C GLY F 93 24.18 11.78 22.42
N PHE F 94 23.63 12.05 23.58
CA PHE F 94 23.53 13.39 24.12
C PHE F 94 24.76 13.72 24.97
N VAL F 95 25.21 14.98 24.87
CA VAL F 95 26.41 15.41 25.58
C VAL F 95 26.16 16.70 26.36
N LYS F 96 24.98 16.88 26.92
CA LYS F 96 24.58 18.20 27.38
C LYS F 96 25.44 18.70 28.52
N LYS F 97 26.48 19.47 28.21
CA LYS F 97 27.49 19.82 29.21
C LYS F 97 27.79 21.31 29.21
N ASP F 98 27.79 21.92 30.39
CA ASP F 98 28.29 23.28 30.54
C ASP F 98 29.79 23.24 30.83
N VAL G 37 19.28 -8.35 -18.32
CA VAL G 37 18.19 -7.42 -18.11
C VAL G 37 18.22 -6.88 -16.69
N LEU G 38 17.91 -5.61 -16.52
CA LEU G 38 17.72 -5.08 -15.17
C LEU G 38 16.98 -3.76 -15.21
N TYR G 39 16.18 -3.51 -14.18
CA TYR G 39 15.36 -2.32 -14.06
C TYR G 39 15.72 -1.63 -12.76
N VAL G 40 16.05 -0.34 -12.81
CA VAL G 40 16.40 0.41 -11.62
C VAL G 40 15.45 1.59 -11.52
N GLY G 41 14.71 1.66 -10.42
CA GLY G 41 13.77 2.74 -10.19
C GLY G 41 12.80 2.96 -11.32
N SER G 42 12.30 1.87 -11.91
CA SER G 42 11.46 1.92 -13.10
C SER G 42 10.12 1.24 -12.83
N LYS G 43 9.32 1.11 -13.88
CA LYS G 43 7.96 0.58 -13.80
C LYS G 43 7.61 -0.12 -15.10
N THR G 44 6.63 -1.02 -15.04
CA THR G 44 6.19 -1.78 -16.19
C THR G 44 4.70 -2.04 -16.07
N LYS G 45 4.03 -2.17 -17.21
CA LYS G 45 2.58 -2.43 -17.24
C LYS G 45 2.29 -3.29 -18.46
N GLU G 46 2.30 -4.61 -18.29
CA GLU G 46 2.09 -5.53 -19.40
C GLU G 46 0.65 -6.04 -19.35
N GLY G 47 -0.27 -5.17 -19.69
CA GLY G 47 -1.69 -5.49 -19.72
C GLY G 47 -2.39 -4.97 -18.48
N VAL G 48 -2.99 -3.79 -18.54
CA VAL G 48 -3.63 -3.20 -17.38
C VAL G 48 -4.77 -2.31 -17.85
N VAL G 49 -5.72 -2.07 -16.97
CA VAL G 49 -6.79 -1.11 -17.16
C VAL G 49 -6.85 -0.26 -15.90
N HIS G 50 -6.99 1.04 -16.06
CA HIS G 50 -7.17 1.87 -14.88
C HIS G 50 -7.85 3.19 -15.25
N ASP G 51 -8.29 3.90 -14.23
CA ASP G 51 -8.96 5.19 -14.40
C ASP G 51 -10.21 5.06 -15.26
N VAL G 52 -11.02 4.04 -14.95
CA VAL G 52 -12.29 3.84 -15.64
C VAL G 52 -13.34 4.53 -14.80
N THR G 53 -13.78 5.70 -15.26
CA THR G 53 -14.78 6.49 -14.57
C THR G 53 -16.11 6.41 -15.31
N THR G 54 -17.19 6.25 -14.54
CA THR G 54 -18.51 6.10 -15.14
C THR G 54 -19.52 6.86 -14.28
N VAL G 55 -20.07 7.93 -14.83
CA VAL G 55 -21.06 8.77 -14.15
C VAL G 55 -22.37 8.62 -14.90
N ALA G 56 -23.34 7.94 -14.30
CA ALA G 56 -24.65 7.73 -14.90
C ALA G 56 -25.70 8.36 -13.99
N GLU G 57 -26.21 9.52 -14.39
CA GLU G 57 -27.18 10.25 -13.58
C GLU G 57 -28.53 10.31 -14.27
N LYS G 58 -29.57 9.83 -13.58
CA LYS G 58 -30.95 9.88 -14.06
C LYS G 58 -31.12 9.13 -15.38
N THR G 59 -30.85 7.83 -15.31
CA THR G 59 -30.99 6.94 -16.45
C THR G 59 -32.23 6.10 -16.33
N LYS G 60 -32.45 5.24 -17.33
CA LYS G 60 -33.58 4.32 -17.36
C LYS G 60 -33.33 3.31 -18.47
N GLU G 61 -33.48 2.03 -18.17
CA GLU G 61 -33.30 0.97 -19.14
C GLU G 61 -34.50 0.03 -19.11
N GLN G 62 -34.68 -0.71 -20.20
CA GLN G 62 -35.89 -1.49 -20.37
C GLN G 62 -35.61 -2.82 -21.07
N VAL G 63 -34.37 -3.30 -20.96
CA VAL G 63 -33.96 -4.49 -21.71
C VAL G 63 -34.95 -5.62 -21.54
N THR G 64 -35.23 -6.32 -22.64
CA THR G 64 -36.21 -7.39 -22.71
C THR G 64 -35.63 -8.58 -23.45
N ASN G 65 -34.42 -9.00 -23.08
CA ASN G 65 -33.74 -10.09 -23.75
C ASN G 65 -34.58 -11.35 -23.74
N VAL G 66 -34.60 -12.06 -24.87
CA VAL G 66 -35.38 -13.28 -25.03
C VAL G 66 -34.53 -14.45 -25.52
N GLY G 67 -33.21 -14.32 -25.47
CA GLY G 67 -32.34 -15.34 -26.04
C GLY G 67 -31.16 -14.67 -26.70
N GLY G 68 -29.95 -15.16 -26.44
CA GLY G 68 -28.77 -14.43 -26.88
C GLY G 68 -28.04 -13.84 -25.70
N ALA G 69 -27.66 -12.57 -25.77
CA ALA G 69 -26.89 -11.97 -24.68
C ALA G 69 -26.97 -10.46 -24.76
N VAL G 70 -27.28 -9.83 -23.63
CA VAL G 70 -27.32 -8.38 -23.54
C VAL G 70 -26.35 -7.98 -22.44
N VAL G 71 -25.39 -7.14 -22.77
CA VAL G 71 -24.33 -6.76 -21.85
C VAL G 71 -24.26 -5.24 -21.81
N THR G 72 -24.94 -4.63 -20.83
CA THR G 72 -24.97 -3.18 -20.73
C THR G 72 -24.28 -2.65 -19.49
N GLY G 73 -23.31 -3.39 -18.95
CA GLY G 73 -22.56 -2.97 -17.78
C GLY G 73 -21.27 -2.26 -18.13
N VAL G 74 -20.32 -2.33 -17.19
CA VAL G 74 -18.96 -1.81 -17.40
C VAL G 74 -18.00 -2.95 -17.11
N THR G 75 -17.31 -3.42 -18.14
CA THR G 75 -16.40 -4.56 -18.04
C THR G 75 -14.98 -4.07 -18.23
N ALA G 76 -14.04 -4.80 -17.64
CA ALA G 76 -12.62 -4.46 -17.73
C ALA G 76 -11.82 -5.75 -17.57
N VAL G 77 -11.41 -6.31 -18.70
CA VAL G 77 -10.54 -7.47 -18.72
C VAL G 77 -9.11 -6.99 -18.84
N ALA G 78 -8.18 -7.75 -18.25
CA ALA G 78 -6.77 -7.39 -18.28
C ALA G 78 -5.97 -8.67 -18.11
N GLN G 79 -5.42 -9.17 -19.21
CA GLN G 79 -4.66 -10.40 -19.20
C GLN G 79 -3.24 -10.14 -19.65
N LYS G 80 -2.37 -11.09 -19.33
CA LYS G 80 -0.99 -11.08 -19.78
C LYS G 80 -0.71 -12.06 -20.90
N THR G 81 -1.35 -13.22 -20.91
CA THR G 81 -1.00 -14.25 -21.88
C THR G 81 -2.17 -15.21 -22.02
N VAL G 82 -2.53 -15.51 -23.27
CA VAL G 82 -3.56 -16.51 -23.54
C VAL G 82 -3.08 -17.42 -24.66
N GLU G 83 -2.70 -18.63 -24.32
CA GLU G 83 -2.18 -19.59 -25.29
C GLU G 83 -3.34 -20.39 -25.86
N GLY G 84 -3.04 -21.51 -26.51
CA GLY G 84 -4.08 -22.45 -26.85
C GLY G 84 -4.66 -22.22 -28.23
N ALA G 85 -4.88 -23.32 -28.95
CA ALA G 85 -5.28 -23.26 -30.34
C ALA G 85 -6.80 -23.25 -30.46
N GLY G 86 -7.38 -22.10 -30.12
CA GLY G 86 -8.82 -21.94 -30.21
C GLY G 86 -9.41 -21.13 -29.08
N SER G 87 -8.56 -20.68 -28.17
CA SER G 87 -9.01 -19.92 -27.01
C SER G 87 -9.82 -18.70 -27.42
N ILE G 88 -10.85 -18.40 -26.64
CA ILE G 88 -11.78 -17.33 -26.95
C ILE G 88 -11.69 -16.28 -25.84
N ALA G 89 -10.48 -16.05 -25.35
CA ALA G 89 -10.24 -15.13 -24.25
C ALA G 89 -10.98 -13.81 -24.43
N ALA G 90 -11.48 -13.28 -23.32
CA ALA G 90 -12.09 -11.95 -23.26
C ALA G 90 -13.26 -11.82 -24.23
N ALA G 91 -14.30 -12.60 -23.96
CA ALA G 91 -15.56 -12.51 -24.67
C ALA G 91 -16.56 -11.74 -23.82
N THR G 92 -17.44 -10.98 -24.47
CA THR G 92 -18.46 -10.19 -23.78
C THR G 92 -19.65 -10.03 -24.71
N GLY G 93 -20.64 -10.90 -24.53
CA GLY G 93 -21.78 -10.97 -25.43
C GLY G 93 -21.71 -12.08 -26.45
N PHE G 94 -21.16 -13.23 -26.09
CA PHE G 94 -20.89 -14.30 -27.03
C PHE G 94 -22.08 -15.24 -27.14
N VAL G 95 -22.33 -15.73 -28.35
CA VAL G 95 -23.49 -16.59 -28.59
C VAL G 95 -23.08 -17.84 -29.37
N LYS G 96 -21.90 -18.40 -29.10
CA LYS G 96 -21.33 -19.37 -30.02
C LYS G 96 -22.15 -20.65 -30.08
N LYS G 97 -23.06 -20.75 -31.04
CA LYS G 97 -24.03 -21.83 -31.07
C LYS G 97 -24.11 -22.48 -32.44
N ASP G 98 -24.06 -23.82 -32.45
CA ASP G 98 -24.36 -24.57 -33.67
C ASP G 98 -25.86 -24.85 -33.73
N VAL H 37 18.69 -11.17 -14.47
CA VAL H 37 17.61 -10.23 -14.25
C VAL H 37 17.67 -9.70 -12.83
N LEU H 38 17.38 -8.40 -12.64
CA LEU H 38 17.21 -7.88 -11.29
C LEU H 38 16.49 -6.55 -11.33
N TYR H 39 15.71 -6.29 -10.29
CA TYR H 39 14.91 -5.08 -10.16
C TYR H 39 15.30 -4.40 -8.86
N VAL H 40 15.64 -3.11 -8.91
CA VAL H 40 16.01 -2.37 -7.72
C VAL H 40 15.09 -1.17 -7.61
N GLY H 41 14.37 -1.09 -6.50
CA GLY H 41 13.44 0.00 -6.26
C GLY H 41 12.46 0.23 -7.38
N SER H 42 11.93 -0.84 -7.97
CA SER H 42 11.09 -0.77 -9.15
C SER H 42 9.73 -1.43 -8.87
N LYS H 43 8.93 -1.56 -9.92
CA LYS H 43 7.57 -2.05 -9.82
C LYS H 43 7.18 -2.75 -11.12
N THR H 44 6.20 -3.64 -11.05
CA THR H 44 5.73 -4.39 -12.19
C THR H 44 4.23 -4.62 -12.06
N LYS H 45 3.55 -4.75 -13.19
CA LYS H 45 2.11 -4.99 -13.20
C LYS H 45 1.78 -5.83 -14.43
N GLU H 46 1.78 -7.15 -14.26
CA GLU H 46 1.53 -8.07 -15.36
C GLU H 46 0.08 -8.56 -15.29
N GLY H 47 -0.83 -7.66 -15.63
CA GLY H 47 -2.25 -7.95 -15.64
C GLY H 47 -2.92 -7.44 -14.40
N VAL H 48 -3.50 -6.25 -14.45
CA VAL H 48 -4.14 -5.64 -13.28
C VAL H 48 -5.25 -4.73 -13.74
N VAL H 49 -6.19 -4.49 -12.84
CA VAL H 49 -7.25 -3.50 -13.03
C VAL H 49 -7.29 -2.66 -11.77
N HIS H 50 -7.40 -1.35 -11.92
CA HIS H 50 -7.56 -0.51 -10.74
C HIS H 50 -8.21 0.80 -11.11
N ASP H 51 -8.63 1.53 -10.08
CA ASP H 51 -9.29 2.82 -10.24
C ASP H 51 -10.55 2.72 -11.07
N VAL H 52 -11.37 1.72 -10.77
CA VAL H 52 -12.64 1.52 -11.44
C VAL H 52 -13.69 2.24 -10.59
N THR H 53 -14.10 3.42 -11.05
CA THR H 53 -15.09 4.23 -10.35
C THR H 53 -16.43 4.16 -11.06
N THR H 54 -17.50 4.02 -10.29
CA THR H 54 -18.83 3.89 -10.87
C THR H 54 -19.81 4.68 -10.01
N VAL H 55 -20.35 5.76 -10.55
CA VAL H 55 -21.33 6.60 -9.86
C VAL H 55 -22.64 6.48 -10.60
N ALA H 56 -23.62 5.80 -9.98
CA ALA H 56 -24.94 5.62 -10.57
C ALA H 56 -25.97 6.27 -9.66
N GLU H 57 -26.46 7.44 -10.05
CA GLU H 57 -27.42 8.18 -9.22
C GLU H 57 -28.77 8.27 -9.91
N LYS H 58 -29.80 7.81 -9.20
CA LYS H 58 -31.18 7.88 -9.67
C LYS H 58 -31.39 7.13 -10.98
N THR H 59 -31.14 5.82 -10.92
CA THR H 59 -31.30 4.94 -12.06
C THR H 59 -32.57 4.11 -11.92
N LYS H 60 -32.80 3.26 -12.92
CA LYS H 60 -33.95 2.36 -12.95
C LYS H 60 -33.74 1.35 -14.06
N GLU H 61 -33.90 0.08 -13.75
CA GLU H 61 -33.75 -1.00 -14.73
C GLU H 61 -34.96 -1.91 -14.70
N GLN H 62 -35.16 -2.64 -15.78
CA GLN H 62 -36.39 -3.40 -15.93
C GLN H 62 -36.14 -4.73 -16.65
N VAL H 63 -34.91 -5.24 -16.55
CA VAL H 63 -34.51 -6.42 -17.30
C VAL H 63 -35.52 -7.54 -17.13
N THR H 64 -35.83 -8.23 -18.23
CA THR H 64 -36.81 -9.31 -18.27
C THR H 64 -36.26 -10.50 -19.03
N ASN H 65 -35.06 -10.92 -18.67
CA ASN H 65 -34.41 -12.03 -19.35
C ASN H 65 -35.28 -13.28 -19.33
N VAL H 66 -35.32 -13.99 -20.47
CA VAL H 66 -36.11 -15.20 -20.62
C VAL H 66 -35.29 -16.38 -21.12
N GLY H 67 -33.97 -16.28 -21.08
CA GLY H 67 -33.12 -17.30 -21.66
C GLY H 67 -31.93 -16.66 -22.32
N GLY H 68 -30.73 -17.16 -22.09
CA GLY H 68 -29.55 -16.46 -22.53
C GLY H 68 -28.79 -15.87 -21.36
N ALA H 69 -28.40 -14.61 -21.43
CA ALA H 69 -27.61 -14.03 -20.35
C ALA H 69 -27.65 -12.51 -20.43
N VAL H 70 -27.96 -11.89 -19.30
CA VAL H 70 -27.96 -10.43 -19.21
C VAL H 70 -26.98 -10.05 -18.12
N VAL H 71 -26.00 -9.21 -18.45
CA VAL H 71 -24.92 -8.87 -17.54
C VAL H 71 -24.83 -7.34 -17.50
N THR H 72 -25.49 -6.73 -16.52
CA THR H 72 -25.50 -5.27 -16.42
C THR H 72 -24.79 -4.76 -15.17
N GLY H 73 -23.81 -5.51 -14.65
CA GLY H 73 -23.06 -5.11 -13.49
C GLY H 73 -21.75 -4.42 -13.84
N VAL H 74 -20.79 -4.51 -12.93
CA VAL H 74 -19.44 -4.01 -13.14
C VAL H 74 -18.49 -5.16 -12.85
N THR H 75 -17.82 -5.65 -13.89
CA THR H 75 -16.93 -6.78 -13.81
C THR H 75 -15.49 -6.33 -14.01
N ALA H 76 -14.56 -7.08 -13.43
CA ALA H 76 -13.15 -6.76 -13.55
C ALA H 76 -12.36 -8.06 -13.40
N VAL H 77 -11.97 -8.62 -14.52
CA VAL H 77 -11.12 -9.80 -14.55
C VAL H 77 -9.68 -9.35 -14.68
N ALA H 78 -8.76 -10.13 -14.11
CA ALA H 78 -7.35 -9.78 -14.15
C ALA H 78 -6.55 -11.08 -14.00
N GLN H 79 -6.03 -11.58 -15.10
CA GLN H 79 -5.29 -12.83 -15.10
C GLN H 79 -3.86 -12.59 -15.57
N LYS H 80 -3.02 -13.56 -15.24
CA LYS H 80 -1.64 -13.56 -15.72
C LYS H 80 -1.39 -14.55 -16.84
N THR H 81 -2.05 -15.70 -16.85
CA THR H 81 -1.73 -16.73 -17.82
C THR H 81 -2.91 -17.67 -17.96
N VAL H 82 -3.29 -17.97 -19.20
CA VAL H 82 -4.33 -18.95 -19.45
C VAL H 82 -3.88 -19.86 -20.58
N GLU H 83 -3.52 -21.08 -20.25
CA GLU H 83 -3.02 -22.05 -21.22
C GLU H 83 -4.21 -22.83 -21.79
N GLY H 84 -3.93 -23.94 -22.45
CA GLY H 84 -4.99 -24.88 -22.78
C GLY H 84 -5.58 -24.63 -24.14
N ALA H 85 -5.82 -25.72 -24.86
CA ALA H 85 -6.24 -25.66 -26.25
C ALA H 85 -7.76 -25.61 -26.35
N GLY H 86 -8.32 -24.46 -26.00
CA GLY H 86 -9.75 -24.28 -26.08
C GLY H 86 -10.32 -23.46 -24.94
N SER H 87 -9.45 -23.03 -24.05
CA SER H 87 -9.87 -22.27 -22.88
C SER H 87 -10.67 -21.03 -23.27
N ILE H 88 -11.69 -20.71 -22.48
CA ILE H 88 -12.60 -19.62 -22.78
C ILE H 88 -12.49 -18.59 -21.68
N ALA H 89 -11.27 -18.37 -21.19
CA ALA H 89 -11.00 -17.45 -20.09
C ALA H 89 -11.71 -16.13 -20.27
N ALA H 90 -12.20 -15.58 -19.15
CA ALA H 90 -12.78 -14.25 -19.09
C ALA H 90 -13.96 -14.10 -20.05
N ALA H 91 -15.01 -14.86 -19.76
CA ALA H 91 -16.28 -14.75 -20.46
C ALA H 91 -17.26 -13.96 -19.60
N THR H 92 -18.13 -13.18 -20.23
CA THR H 92 -19.12 -12.38 -19.54
C THR H 92 -20.33 -12.21 -20.45
N GLY H 93 -21.34 -13.06 -20.27
CA GLY H 93 -22.48 -13.10 -21.15
C GLY H 93 -22.43 -14.21 -22.18
N PHE H 94 -21.91 -15.37 -21.82
CA PHE H 94 -21.66 -16.44 -22.76
C PHE H 94 -22.87 -17.37 -22.86
N VAL H 95 -23.15 -17.85 -24.07
CA VAL H 95 -24.31 -18.69 -24.31
C VAL H 95 -23.93 -19.95 -25.09
N LYS H 96 -22.77 -20.52 -24.82
CA LYS H 96 -22.22 -21.50 -25.75
C LYS H 96 -23.06 -22.78 -25.81
N LYS H 97 -23.97 -22.85 -26.76
CA LYS H 97 -24.97 -23.92 -26.78
C LYS H 97 -25.06 -24.57 -28.15
N ASP H 98 -25.05 -25.90 -28.18
CA ASP H 98 -25.37 -26.65 -29.38
C ASP H 98 -26.87 -26.91 -29.43
N VAL I 37 18.10 -13.98 -10.62
CA VAL I 37 17.03 -13.02 -10.38
C VAL I 37 17.12 -12.49 -8.96
N LEU I 38 16.84 -11.19 -8.78
CA LEU I 38 16.70 -10.67 -7.41
C LEU I 38 16.01 -9.32 -7.44
N TYR I 39 15.24 -9.05 -6.40
CA TYR I 39 14.46 -7.83 -6.26
C TYR I 39 14.87 -7.16 -4.96
N VAL I 40 15.23 -5.88 -5.02
CA VAL I 40 15.64 -5.14 -3.83
C VAL I 40 14.73 -3.93 -3.70
N GLY I 41 14.02 -3.83 -2.59
CA GLY I 41 13.11 -2.73 -2.34
C GLY I 41 12.12 -2.48 -3.46
N SER I 42 11.57 -3.55 -4.04
CA SER I 42 10.71 -3.47 -5.21
C SER I 42 9.36 -4.10 -4.91
N LYS I 43 8.54 -4.22 -5.96
CA LYS I 43 7.17 -4.70 -5.84
C LYS I 43 6.77 -5.39 -7.13
N THR I 44 5.76 -6.25 -7.05
CA THR I 44 5.27 -6.99 -8.20
C THR I 44 3.76 -7.20 -8.04
N LYS I 45 3.07 -7.31 -9.18
CA LYS I 45 1.62 -7.53 -9.17
C LYS I 45 1.28 -8.36 -10.40
N GLU I 46 1.25 -9.68 -10.23
CA GLU I 46 0.99 -10.60 -11.33
C GLU I 46 -0.47 -11.06 -11.25
N GLY I 47 -1.37 -10.15 -11.58
CA GLY I 47 -2.80 -10.43 -11.57
C GLY I 47 -3.45 -9.90 -10.32
N VAL I 48 -4.02 -8.70 -10.36
CA VAL I 48 -4.63 -8.09 -9.18
C VAL I 48 -5.73 -7.16 -9.63
N VAL I 49 -6.65 -6.89 -8.73
CA VAL I 49 -7.70 -5.89 -8.89
C VAL I 49 -7.72 -5.05 -7.64
N HIS I 50 -7.80 -3.74 -7.79
CA HIS I 50 -7.94 -2.91 -6.61
C HIS I 50 -8.57 -1.57 -6.96
N ASP I 51 -8.97 -0.83 -5.94
CA ASP I 51 -9.60 0.47 -6.09
C ASP I 51 -10.88 0.38 -6.91
N VAL I 52 -11.70 -0.61 -6.60
CA VAL I 52 -13.00 -0.78 -7.26
C VAL I 52 -14.02 -0.05 -6.39
N THR I 53 -14.42 1.14 -6.85
CA THR I 53 -15.39 1.95 -6.13
C THR I 53 -16.74 1.92 -6.84
N THR I 54 -17.80 1.79 -6.06
CA THR I 54 -19.14 1.69 -6.62
C THR I 54 -20.10 2.49 -5.74
N VAL I 55 -20.63 3.58 -6.28
CA VAL I 55 -21.57 4.44 -5.58
C VAL I 55 -22.91 4.34 -6.30
N ALA I 56 -23.88 3.68 -5.68
CA ALA I 56 -25.22 3.51 -6.25
C ALA I 56 -26.22 4.17 -5.33
N GLU I 57 -26.70 5.36 -5.70
CA GLU I 57 -27.63 6.12 -4.88
C GLU I 57 -28.99 6.22 -5.55
N LYS I 58 -30.03 5.79 -4.83
CA LYS I 58 -31.41 5.88 -5.28
C LYS I 58 -31.64 5.12 -6.60
N THR I 59 -31.41 3.82 -6.54
CA THR I 59 -31.60 2.94 -7.68
C THR I 59 -32.88 2.13 -7.53
N LYS I 60 -33.13 1.30 -8.53
CA LYS I 60 -34.29 0.41 -8.54
C LYS I 60 -34.11 -0.60 -9.66
N GLU I 61 -34.29 -1.88 -9.35
CA GLU I 61 -34.17 -2.95 -10.33
C GLU I 61 -35.40 -3.84 -10.28
N GLN I 62 -35.62 -4.57 -11.36
CA GLN I 62 -36.86 -5.32 -11.51
C GLN I 62 -36.63 -6.65 -12.22
N VAL I 63 -35.42 -7.17 -12.14
CA VAL I 63 -35.04 -8.36 -12.89
C VAL I 63 -36.08 -9.47 -12.71
N THR I 64 -36.39 -10.15 -13.81
CA THR I 64 -37.41 -11.20 -13.84
C THR I 64 -36.89 -12.41 -14.61
N ASN I 65 -35.69 -12.85 -14.26
CA ASN I 65 -35.05 -13.97 -14.95
C ASN I 65 -35.95 -15.21 -14.93
N VAL I 66 -36.01 -15.90 -16.06
CA VAL I 66 -36.82 -17.10 -16.20
C VAL I 66 -36.02 -18.29 -16.71
N GLY I 67 -34.70 -18.22 -16.68
CA GLY I 67 -33.87 -19.26 -17.27
C GLY I 67 -32.68 -18.62 -17.96
N GLY I 68 -31.49 -19.16 -17.73
CA GLY I 68 -30.30 -18.47 -18.18
C GLY I 68 -29.52 -17.90 -17.02
N ALA I 69 -29.12 -16.64 -17.09
CA ALA I 69 -28.30 -16.08 -16.02
C ALA I 69 -28.32 -14.56 -16.10
N VAL I 70 -28.60 -13.92 -14.96
CA VAL I 70 -28.58 -12.47 -14.87
C VAL I 70 -27.58 -12.11 -13.79
N VAL I 71 -26.60 -11.29 -14.14
CA VAL I 71 -25.50 -10.96 -13.24
C VAL I 71 -25.39 -9.44 -13.19
N THR I 72 -26.02 -8.81 -12.21
CA THR I 72 -26.01 -7.36 -12.10
C THR I 72 -25.28 -6.86 -10.87
N GLY I 73 -24.32 -7.62 -10.35
CA GLY I 73 -23.53 -7.24 -9.20
C GLY I 73 -22.22 -6.56 -9.57
N VAL I 74 -21.26 -6.66 -8.66
CA VAL I 74 -19.90 -6.20 -8.89
C VAL I 74 -18.96 -7.37 -8.62
N THR I 75 -18.32 -7.86 -9.67
CA THR I 75 -17.44 -9.01 -9.59
C THR I 75 -15.99 -8.58 -9.81
N ALA I 76 -15.07 -9.35 -9.23
CA ALA I 76 -13.66 -9.05 -9.36
C ALA I 76 -12.89 -10.36 -9.22
N VAL I 77 -12.52 -10.93 -10.35
CA VAL I 77 -11.69 -12.13 -10.39
C VAL I 77 -10.24 -11.69 -10.54
N ALA I 78 -9.33 -12.48 -9.97
CA ALA I 78 -7.91 -12.16 -10.02
C ALA I 78 -7.15 -13.47 -9.88
N GLN I 79 -6.64 -13.99 -10.99
CA GLN I 79 -5.92 -15.24 -11.00
C GLN I 79 -4.50 -15.03 -11.48
N LYS I 80 -3.66 -16.01 -11.17
CA LYS I 80 -2.28 -16.04 -11.65
C LYS I 80 -2.06 -17.03 -12.78
N THR I 81 -2.73 -18.17 -12.78
CA THR I 81 -2.44 -19.20 -13.76
C THR I 81 -3.64 -20.12 -13.89
N VAL I 82 -4.04 -20.41 -15.12
CA VAL I 82 -5.10 -21.38 -15.36
C VAL I 82 -4.68 -22.29 -16.51
N GLU I 83 -4.33 -23.52 -16.17
CA GLU I 83 -3.86 -24.49 -17.15
C GLU I 83 -5.06 -25.26 -17.70
N GLY I 84 -4.81 -26.37 -18.37
CA GLY I 84 -5.89 -27.29 -18.69
C GLY I 84 -6.49 -27.03 -20.04
N ALA I 85 -6.76 -28.12 -20.76
CA ALA I 85 -7.18 -28.05 -22.15
C ALA I 85 -8.71 -27.97 -22.23
N GLY I 86 -9.24 -26.81 -21.88
CA GLY I 86 -10.67 -26.61 -21.95
C GLY I 86 -11.22 -25.78 -20.80
N SER I 87 -10.33 -25.37 -19.91
CA SER I 87 -10.73 -24.60 -18.74
C SER I 87 -11.51 -23.35 -19.12
N ILE I 88 -12.52 -23.02 -18.32
CA ILE I 88 -13.41 -21.91 -18.61
C ILE I 88 -13.27 -20.87 -17.50
N ALA I 89 -12.03 -20.69 -17.04
CA ALA I 89 -11.75 -19.78 -15.93
C ALA I 89 -12.45 -18.43 -16.10
N ALA I 90 -12.91 -17.89 -14.98
CA ALA I 90 -13.47 -16.54 -14.92
C ALA I 90 -14.66 -16.37 -15.86
N ALA I 91 -15.71 -17.11 -15.56
CA ALA I 91 -16.99 -16.98 -16.25
C ALA I 91 -17.95 -16.18 -15.37
N THR I 92 -18.81 -15.39 -16.00
CA THR I 92 -19.79 -14.57 -15.30
C THR I 92 -21.00 -14.38 -16.20
N GLY I 93 -22.02 -15.20 -16.00
CA GLY I 93 -23.17 -15.24 -16.87
C GLY I 93 -23.15 -16.34 -17.90
N PHE I 94 -22.65 -17.51 -17.55
CA PHE I 94 -22.42 -18.59 -18.49
C PHE I 94 -23.64 -19.49 -18.58
N VAL I 95 -23.94 -19.97 -19.79
CA VAL I 95 -25.12 -20.80 -20.02
C VAL I 95 -24.77 -22.05 -20.80
N LYS I 96 -23.61 -22.64 -20.56
CA LYS I 96 -23.08 -23.64 -21.49
C LYS I 96 -23.95 -24.89 -21.53
N LYS I 97 -24.88 -24.95 -22.48
CA LYS I 97 -25.90 -26.00 -22.49
C LYS I 97 -26.01 -26.65 -23.86
N ASP I 98 -26.02 -27.99 -23.87
CA ASP I 98 -26.36 -28.73 -25.09
C ASP I 98 -27.87 -28.96 -25.12
N VAL J 37 17.49 -16.79 -6.74
CA VAL J 37 16.44 -15.81 -6.49
C VAL J 37 16.55 -15.28 -5.08
N LEU J 38 16.31 -13.99 -4.89
CA LEU J 38 16.18 -13.46 -3.53
C LEU J 38 15.50 -12.10 -3.55
N TYR J 39 14.76 -11.82 -2.50
CA TYR J 39 14.00 -10.58 -2.35
C TYR J 39 14.44 -9.92 -1.06
N VAL J 40 14.82 -8.64 -1.12
CA VAL J 40 15.24 -7.92 0.07
C VAL J 40 14.36 -6.68 0.20
N GLY J 41 13.66 -6.58 1.32
CA GLY J 41 12.78 -5.46 1.58
C GLY J 41 11.78 -5.20 0.48
N SER J 42 11.21 -6.26 -0.09
CA SER J 42 10.33 -6.16 -1.26
C SER J 42 8.97 -6.76 -0.95
N LYS J 43 8.14 -6.87 -1.98
CA LYS J 43 6.77 -7.32 -1.85
C LYS J 43 6.34 -8.00 -3.15
N THR J 44 5.32 -8.86 -3.05
CA THR J 44 4.80 -9.59 -4.20
C THR J 44 3.30 -9.78 -4.03
N LYS J 45 2.59 -9.87 -5.15
CA LYS J 45 1.14 -10.06 -5.13
C LYS J 45 0.77 -10.89 -6.35
N GLU J 46 0.72 -12.21 -6.18
CA GLU J 46 0.43 -13.12 -7.28
C GLU J 46 -1.03 -13.56 -7.19
N GLY J 47 -1.92 -12.63 -7.51
CA GLY J 47 -3.35 -12.88 -7.48
C GLY J 47 -3.98 -12.34 -6.22
N VAL J 48 -4.53 -11.14 -6.26
CA VAL J 48 -5.12 -10.52 -5.08
C VAL J 48 -6.21 -9.56 -5.52
N VAL J 49 -7.13 -9.30 -4.60
CA VAL J 49 -8.15 -8.27 -4.76
C VAL J 49 -8.14 -7.43 -3.50
N HIS J 50 -8.21 -6.12 -3.65
CA HIS J 50 -8.31 -5.29 -2.46
C HIS J 50 -8.93 -3.94 -2.82
N ASP J 51 -9.31 -3.20 -1.78
CA ASP J 51 -9.92 -1.89 -1.93
C ASP J 51 -11.20 -1.96 -2.74
N VAL J 52 -12.04 -2.92 -2.41
CA VAL J 52 -13.35 -3.07 -3.06
C VAL J 52 -14.35 -2.32 -2.19
N THR J 53 -14.73 -1.14 -2.63
CA THR J 53 -15.68 -0.30 -1.92
C THR J 53 -17.03 -0.30 -2.61
N THR J 54 -18.09 -0.42 -1.81
CA THR J 54 -19.44 -0.51 -2.36
C THR J 54 -20.37 0.31 -1.48
N VAL J 55 -20.90 1.40 -2.01
CA VAL J 55 -21.82 2.29 -1.30
C VAL J 55 -23.16 2.20 -2.00
N ALA J 56 -24.14 1.56 -1.37
CA ALA J 56 -25.48 1.42 -1.93
C ALA J 56 -26.47 2.10 -1.00
N GLU J 57 -26.93 3.29 -1.37
CA GLU J 57 -27.83 4.06 -0.53
C GLU J 57 -29.20 4.19 -1.18
N LYS J 58 -30.24 3.77 -0.46
CA LYS J 58 -31.63 3.89 -0.89
C LYS J 58 -31.88 3.14 -2.21
N THR J 59 -31.68 1.83 -2.15
CA THR J 59 -31.89 0.95 -3.30
C THR J 59 -33.18 0.17 -3.13
N LYS J 60 -33.45 -0.67 -4.13
CA LYS J 60 -34.63 -1.53 -4.13
C LYS J 60 -34.48 -2.54 -5.24
N GLU J 61 -34.68 -3.82 -4.94
CA GLU J 61 -34.58 -4.89 -5.92
C GLU J 61 -35.83 -5.76 -5.85
N GLN J 62 -36.06 -6.50 -6.94
CA GLN J 62 -37.32 -7.21 -7.07
C GLN J 62 -37.13 -8.54 -7.79
N VAL J 63 -35.91 -9.09 -7.72
CA VAL J 63 -35.57 -10.29 -8.47
C VAL J 63 -36.63 -11.37 -8.28
N THR J 64 -36.97 -12.06 -9.38
CA THR J 64 -38.00 -13.08 -9.41
C THR J 64 -37.50 -14.30 -10.17
N ASN J 65 -36.30 -14.77 -9.84
CA ASN J 65 -35.70 -15.89 -10.54
C ASN J 65 -36.61 -17.12 -10.51
N VAL J 66 -36.70 -17.81 -11.64
CA VAL J 66 -37.53 -18.99 -11.77
C VAL J 66 -36.75 -20.19 -12.29
N GLY J 67 -35.43 -20.15 -12.28
CA GLY J 67 -34.63 -21.20 -12.87
C GLY J 67 -33.43 -20.59 -13.57
N GLY J 68 -32.24 -21.13 -13.36
CA GLY J 68 -31.05 -20.47 -13.82
C GLY J 68 -30.26 -19.91 -12.67
N ALA J 69 -29.82 -18.66 -12.75
CA ALA J 69 -28.99 -18.11 -11.68
C ALA J 69 -28.98 -16.60 -11.76
N VAL J 70 -29.24 -15.96 -10.62
CA VAL J 70 -29.21 -14.51 -10.53
C VAL J 70 -28.18 -14.16 -9.45
N VAL J 71 -27.19 -13.35 -9.81
CA VAL J 71 -26.08 -13.04 -8.92
C VAL J 71 -25.94 -11.53 -8.88
N THR J 72 -26.55 -10.89 -7.88
CA THR J 72 -26.51 -9.43 -7.79
C THR J 72 -25.76 -8.95 -6.55
N GLY J 73 -24.81 -9.73 -6.06
CA GLY J 73 -24.01 -9.36 -4.90
C GLY J 73 -22.69 -8.71 -5.29
N VAL J 74 -21.72 -8.83 -4.39
CA VAL J 74 -20.35 -8.37 -4.63
C VAL J 74 -19.44 -9.56 -4.37
N THR J 75 -18.80 -10.07 -5.42
CA THR J 75 -17.94 -11.23 -5.36
C THR J 75 -16.50 -10.82 -5.58
N ALA J 76 -15.59 -11.61 -5.02
CA ALA J 76 -14.16 -11.33 -5.16
C ALA J 76 -13.42 -12.66 -5.04
N VAL J 77 -13.07 -13.24 -6.16
CA VAL J 77 -12.26 -14.44 -6.21
C VAL J 77 -10.81 -14.03 -6.38
N ALA J 78 -9.91 -14.84 -5.82
CA ALA J 78 -8.48 -14.54 -5.89
C ALA J 78 -7.73 -15.86 -5.75
N GLN J 79 -7.25 -16.38 -6.87
CA GLN J 79 -6.55 -17.65 -6.89
C GLN J 79 -5.12 -17.47 -7.38
N LYS J 80 -4.29 -18.45 -7.08
CA LYS J 80 -2.93 -18.50 -7.58
C LYS J 80 -2.73 -19.50 -8.71
N THR J 81 -3.43 -20.63 -8.71
CA THR J 81 -3.16 -21.66 -9.70
C THR J 81 -4.38 -22.56 -9.80
N VAL J 82 -4.79 -22.85 -11.03
CA VAL J 82 -5.88 -23.80 -11.27
C VAL J 82 -5.49 -24.72 -12.41
N GLU J 83 -5.14 -25.95 -12.09
CA GLU J 83 -4.71 -26.93 -13.07
C GLU J 83 -5.93 -27.67 -13.61
N GLY J 84 -5.70 -28.79 -14.27
CA GLY J 84 -6.80 -29.70 -14.58
C GLY J 84 -7.41 -29.42 -15.94
N ALA J 85 -7.70 -30.51 -16.64
CA ALA J 85 -8.14 -30.42 -18.04
C ALA J 85 -9.66 -30.33 -18.10
N GLY J 86 -10.18 -29.16 -17.75
CA GLY J 86 -11.60 -28.93 -17.79
C GLY J 86 -12.12 -28.09 -16.64
N SER J 87 -11.22 -27.69 -15.76
CA SER J 87 -11.59 -26.92 -14.58
C SER J 87 -12.36 -25.66 -14.96
N ILE J 88 -13.35 -25.31 -14.14
CA ILE J 88 -14.23 -24.19 -14.43
C ILE J 88 -14.06 -23.15 -13.32
N ALA J 89 -12.82 -22.99 -12.86
CA ALA J 89 -12.50 -22.08 -11.76
C ALA J 89 -13.18 -20.72 -11.92
N ALA J 90 -13.62 -20.17 -10.80
CA ALA J 90 -14.16 -18.82 -10.72
C ALA J 90 -15.35 -18.63 -11.66
N ALA J 91 -16.42 -19.35 -11.35
CA ALA J 91 -17.70 -19.21 -12.03
C ALA J 91 -18.63 -18.38 -11.14
N THR J 92 -19.49 -17.58 -11.76
CA THR J 92 -20.45 -16.74 -11.04
C THR J 92 -21.66 -16.53 -11.93
N GLY J 93 -22.69 -17.34 -11.72
CA GLY J 93 -23.85 -17.36 -12.59
C GLY J 93 -23.86 -18.45 -13.61
N PHE J 94 -23.38 -19.64 -13.27
CA PHE J 94 -23.17 -20.72 -14.22
C PHE J 94 -24.41 -21.60 -14.29
N VAL J 95 -24.73 -22.06 -15.50
CA VAL J 95 -25.93 -22.87 -15.71
C VAL J 95 -25.62 -24.14 -16.49
N LYS J 96 -24.46 -24.75 -16.27
CA LYS J 96 -23.96 -25.76 -17.20
C LYS J 96 -24.84 -26.99 -17.25
N LYS J 97 -25.79 -27.03 -18.18
CA LYS J 97 -26.81 -28.07 -18.18
C LYS J 97 -26.97 -28.72 -19.55
N ASP J 98 -26.99 -30.05 -19.57
CA ASP J 98 -27.35 -30.79 -20.77
C ASP J 98 -28.86 -30.99 -20.79
N VAL K 37 16.89 -19.59 -2.87
CA VAL K 37 15.86 -18.60 -2.62
C VAL K 37 16.00 -18.07 -1.20
N LEU K 38 15.76 -16.77 -1.00
CA LEU K 38 15.67 -16.24 0.36
C LEU K 38 15.02 -14.87 0.34
N TYR K 39 14.28 -14.57 1.40
CA TYR K 39 13.54 -13.33 1.56
C TYR K 39 14.00 -12.67 2.85
N VAL K 40 14.41 -11.42 2.78
CA VAL K 40 14.86 -10.69 3.97
C VAL K 40 13.99 -9.44 4.11
N GLY K 41 13.31 -9.33 5.24
CA GLY K 41 12.44 -8.20 5.51
C GLY K 41 11.44 -7.92 4.42
N SER K 42 10.86 -8.96 3.85
CA SER K 42 9.97 -8.84 2.70
C SER K 42 8.60 -9.44 3.01
N LYS K 43 7.75 -9.52 1.99
CA LYS K 43 6.36 -9.96 2.14
C LYS K 43 5.91 -10.63 0.85
N THR K 44 4.88 -11.46 0.95
CA THR K 44 4.35 -12.18 -0.19
C THR K 44 2.84 -12.35 0.00
N LYS K 45 2.12 -12.43 -1.13
CA LYS K 45 0.67 -12.60 -1.09
C LYS K 45 0.27 -13.43 -2.31
N GLU K 46 0.20 -14.74 -2.14
CA GLU K 46 -0.12 -15.65 -3.24
C GLU K 46 -1.57 -16.06 -3.13
N GLY K 47 -2.46 -15.13 -3.43
CA GLY K 47 -3.89 -15.35 -3.40
C GLY K 47 -4.50 -14.80 -2.13
N VAL K 48 -5.03 -13.59 -2.17
CA VAL K 48 -5.59 -12.96 -0.98
C VAL K 48 -6.68 -11.99 -1.40
N VAL K 49 -7.58 -11.70 -0.48
CA VAL K 49 -8.59 -10.67 -0.62
C VAL K 49 -8.55 -9.82 0.64
N HIS K 50 -8.60 -8.51 0.50
CA HIS K 50 -8.69 -7.68 1.68
C HIS K 50 -9.28 -6.32 1.34
N ASP K 51 -9.64 -5.57 2.37
CA ASP K 51 -10.22 -4.25 2.24
C ASP K 51 -11.52 -4.29 1.44
N VAL K 52 -12.37 -5.26 1.76
CA VAL K 52 -13.68 -5.39 1.13
C VAL K 52 -14.66 -4.63 2.02
N THR K 53 -15.03 -3.42 1.58
CA THR K 53 -15.95 -2.58 2.31
C THR K 53 -17.31 -2.56 1.63
N THR K 54 -18.37 -2.66 2.43
CA THR K 54 -19.73 -2.71 1.90
C THR K 54 -20.64 -1.90 2.79
N VAL K 55 -21.14 -0.78 2.28
CA VAL K 55 -22.05 0.11 2.99
C VAL K 55 -23.40 0.04 2.30
N ALA K 56 -24.38 -0.57 2.94
CA ALA K 56 -25.73 -0.69 2.39
C ALA K 56 -26.70 0.00 3.33
N GLU K 57 -27.15 1.19 2.97
CA GLU K 57 -28.03 1.98 3.82
C GLU K 57 -29.40 2.13 3.19
N LYS K 58 -30.44 1.73 3.92
CA LYS K 58 -31.82 1.86 3.49
C LYS K 58 -32.10 1.13 2.18
N THR K 59 -31.92 -0.18 2.23
CA THR K 59 -32.16 -1.06 1.09
C THR K 59 -33.46 -1.83 1.27
N LYS K 60 -33.76 -2.66 0.27
CA LYS K 60 -34.96 -3.50 0.29
C LYS K 60 -34.82 -4.51 -0.84
N GLU K 61 -35.04 -5.79 -0.52
CA GLU K 61 -34.96 -6.86 -1.51
C GLU K 61 -36.23 -7.71 -1.44
N GLN K 62 -36.49 -8.43 -2.52
CA GLN K 62 -37.77 -9.13 -2.64
C GLN K 62 -37.60 -10.46 -3.36
N VAL K 63 -36.40 -11.04 -3.30
CA VAL K 63 -36.07 -12.23 -4.07
C VAL K 63 -37.14 -13.30 -3.87
N THR K 64 -37.51 -13.97 -4.96
CA THR K 64 -38.55 -14.99 -4.97
C THR K 64 -38.08 -16.22 -5.75
N ASN K 65 -36.90 -16.70 -5.42
CA ASN K 65 -36.31 -17.84 -6.13
C ASN K 65 -37.24 -19.04 -6.09
N VAL K 66 -37.35 -19.73 -7.22
CA VAL K 66 -38.21 -20.91 -7.34
C VAL K 66 -37.46 -22.12 -7.87
N GLY K 67 -36.13 -22.09 -7.88
CA GLY K 67 -35.35 -23.15 -8.48
C GLY K 67 -34.15 -22.56 -9.19
N GLY K 68 -32.97 -23.12 -8.98
CA GLY K 68 -31.77 -22.48 -9.47
C GLY K 68 -30.95 -21.94 -8.31
N ALA K 69 -30.50 -20.68 -8.40
CA ALA K 69 -29.65 -20.16 -7.35
C ALA K 69 -29.62 -18.65 -7.41
N VAL K 70 -29.86 -18.00 -6.28
CA VAL K 70 -29.79 -16.55 -6.19
C VAL K 70 -28.75 -16.22 -5.13
N VAL K 71 -27.76 -15.44 -5.48
CA VAL K 71 -26.64 -15.14 -4.60
C VAL K 71 -26.47 -13.62 -4.57
N THR K 72 -27.05 -12.98 -3.57
CA THR K 72 -27.00 -11.52 -3.46
C THR K 72 -26.22 -11.05 -2.23
N GLY K 73 -25.28 -11.85 -1.75
CA GLY K 73 -24.46 -11.49 -0.61
C GLY K 73 -23.13 -10.86 -0.99
N VAL K 74 -22.15 -11.00 -0.11
CA VAL K 74 -20.79 -10.58 -0.37
C VAL K 74 -19.89 -11.78 -0.11
N THR K 75 -19.28 -12.29 -1.17
CA THR K 75 -18.44 -13.47 -1.12
C THR K 75 -16.98 -13.08 -1.37
N ALA K 76 -16.08 -13.88 -0.82
CA ALA K 76 -14.64 -13.62 -0.97
C ALA K 76 -13.93 -14.96 -0.84
N VAL K 77 -13.60 -15.54 -1.98
CA VAL K 77 -12.80 -16.76 -2.04
C VAL K 77 -11.35 -16.37 -2.22
N ALA K 78 -10.46 -17.20 -1.68
CA ALA K 78 -9.03 -16.93 -1.76
C ALA K 78 -8.30 -18.25 -1.63
N GLN K 79 -7.83 -18.78 -2.75
CA GLN K 79 -7.15 -20.07 -2.77
C GLN K 79 -5.73 -19.90 -3.28
N LYS K 80 -4.92 -20.91 -2.99
CA LYS K 80 -3.56 -20.97 -3.50
C LYS K 80 -3.39 -21.97 -4.64
N THR K 81 -4.11 -23.09 -4.63
CA THR K 81 -3.87 -24.13 -5.61
C THR K 81 -5.10 -25.01 -5.71
N VAL K 82 -5.53 -25.29 -6.94
CA VAL K 82 -6.63 -26.21 -7.17
C VAL K 82 -6.26 -27.14 -8.31
N GLU K 83 -5.94 -28.38 -7.99
CA GLU K 83 -5.53 -29.36 -8.98
C GLU K 83 -6.77 -30.09 -9.51
N GLY K 84 -6.57 -31.20 -10.18
CA GLY K 84 -7.68 -32.09 -10.48
C GLY K 84 -8.30 -31.81 -11.83
N ALA K 85 -8.62 -32.88 -12.53
CA ALA K 85 -9.07 -32.80 -13.91
C ALA K 85 -10.59 -32.68 -13.97
N GLY K 86 -11.07 -31.50 -13.60
CA GLY K 86 -12.50 -31.24 -13.64
C GLY K 86 -13.00 -30.40 -12.49
N SER K 87 -12.08 -30.01 -11.61
CA SER K 87 -12.43 -29.24 -10.42
C SER K 87 -13.17 -27.97 -10.80
N ILE K 88 -14.15 -27.60 -9.97
CA ILE K 88 -15.02 -26.47 -10.24
C ILE K 88 -14.82 -25.44 -9.14
N ALA K 89 -13.57 -25.30 -8.69
CA ALA K 89 -13.23 -24.40 -7.60
C ALA K 89 -13.89 -23.03 -7.74
N ALA K 90 -14.31 -22.47 -6.62
CA ALA K 90 -14.83 -21.11 -6.54
C ALA K 90 -16.03 -20.89 -7.46
N ALA K 91 -17.10 -21.60 -7.15
CA ALA K 91 -18.38 -21.43 -7.81
C ALA K 91 -19.29 -20.59 -6.91
N THR K 92 -20.15 -19.78 -7.52
CA THR K 92 -21.08 -18.93 -6.79
C THR K 92 -22.31 -18.70 -7.67
N GLY K 93 -23.35 -19.49 -7.45
CA GLY K 93 -24.51 -19.48 -8.30
C GLY K 93 -24.55 -20.58 -9.32
N PHE K 94 -24.08 -21.77 -8.99
CA PHE K 94 -23.91 -22.85 -9.94
C PHE K 94 -25.16 -23.72 -10.00
N VAL K 95 -25.50 -24.17 -11.21
CA VAL K 95 -26.71 -24.97 -11.41
C VAL K 95 -26.42 -26.24 -12.20
N LYS K 96 -25.27 -26.86 -11.98
CA LYS K 96 -24.80 -27.87 -12.92
C LYS K 96 -25.70 -29.09 -12.95
N LYS K 97 -26.66 -29.13 -13.88
CA LYS K 97 -27.70 -30.14 -13.87
C LYS K 97 -27.88 -30.79 -15.24
N ASP K 98 -27.92 -32.12 -15.26
CA ASP K 98 -28.31 -32.84 -16.46
C ASP K 98 -29.83 -33.03 -16.46
N VAL L 37 16.26 -22.39 0.97
CA VAL L 37 15.26 -21.37 1.25
C VAL L 37 15.41 -20.86 2.66
N LEU L 38 15.21 -19.55 2.86
CA LEU L 38 15.13 -19.02 4.22
C LEU L 38 14.51 -17.65 4.22
N TYR L 39 13.79 -17.34 5.28
CA TYR L 39 13.07 -16.09 5.45
C TYR L 39 13.56 -15.44 6.74
N VAL L 40 13.98 -14.18 6.67
CA VAL L 40 14.45 -13.47 7.85
C VAL L 40 13.61 -12.20 8.00
N GLY L 41 12.94 -12.09 9.14
CA GLY L 41 12.09 -10.94 9.42
C GLY L 41 11.09 -10.64 8.34
N SER L 42 10.47 -11.67 7.78
CA SER L 42 9.58 -11.55 6.63
C SER L 42 8.21 -12.12 6.96
N LYS L 43 7.34 -12.18 5.95
CA LYS L 43 5.96 -12.60 6.11
C LYS L 43 5.48 -13.26 4.82
N THR L 44 4.44 -14.07 4.94
CA THR L 44 3.88 -14.78 3.80
C THR L 44 2.37 -14.92 4.00
N LYS L 45 1.63 -14.99 2.89
CA LYS L 45 0.18 -15.14 2.94
C LYS L 45 -0.24 -15.95 1.72
N GLU L 46 -0.33 -17.26 1.89
CA GLU L 46 -0.68 -18.17 0.80
C GLU L 46 -2.14 -18.56 0.92
N GLY L 47 -3.02 -17.60 0.63
CA GLY L 47 -4.44 -17.80 0.67
C GLY L 47 -5.03 -17.25 1.95
N VAL L 48 -5.54 -16.02 1.92
CA VAL L 48 -6.08 -15.39 3.12
C VAL L 48 -7.15 -14.40 2.70
N VAL L 49 -8.05 -14.10 3.64
CA VAL L 49 -9.04 -13.05 3.50
C VAL L 49 -8.96 -12.21 4.77
N HIS L 50 -9.00 -10.89 4.62
CA HIS L 50 -9.06 -10.06 5.81
C HIS L 50 -9.63 -8.69 5.48
N ASP L 51 -9.97 -7.95 6.52
CA ASP L 51 -10.53 -6.61 6.39
C ASP L 51 -11.83 -6.64 5.61
N VAL L 52 -12.70 -7.59 5.94
CA VAL L 52 -14.02 -7.69 5.32
C VAL L 52 -14.98 -6.91 6.22
N THR L 53 -15.34 -5.71 5.78
CA THR L 53 -16.24 -4.84 6.52
C THR L 53 -17.60 -4.80 5.87
N THR L 54 -18.65 -4.89 6.67
CA THR L 54 -20.02 -4.92 6.16
C THR L 54 -20.91 -4.09 7.07
N VAL L 55 -21.40 -2.97 6.55
CA VAL L 55 -22.28 -2.06 7.28
C VAL L 55 -23.64 -2.10 6.60
N ALA L 56 -24.62 -2.70 7.25
CA ALA L 56 -25.97 -2.81 6.71
C ALA L 56 -26.92 -2.09 7.68
N GLU L 57 -27.36 -0.89 7.31
CA GLU L 57 -28.21 -0.09 8.16
C GLU L 57 -29.60 0.08 7.55
N LYS L 58 -30.62 -0.31 8.29
CA LYS L 58 -32.03 -0.15 7.88
C LYS L 58 -32.32 -0.88 6.57
N THR L 59 -32.16 -2.19 6.62
CA THR L 59 -32.42 -3.06 5.48
C THR L 59 -33.74 -3.81 5.67
N LYS L 60 -34.07 -4.63 4.68
CA LYS L 60 -35.27 -5.45 4.69
C LYS L 60 -35.16 -6.47 3.57
N GLU L 61 -35.40 -7.74 3.89
CA GLU L 61 -35.35 -8.80 2.90
C GLU L 61 -36.62 -9.63 2.98
N GLN L 62 -36.92 -10.35 1.91
CA GLN L 62 -38.20 -11.03 1.80
C GLN L 62 -38.06 -12.37 1.08
N VAL L 63 -36.87 -12.96 1.13
CA VAL L 63 -36.58 -14.15 0.35
C VAL L 63 -37.66 -15.21 0.56
N THR L 64 -38.05 -15.87 -0.53
CA THR L 64 -39.11 -16.87 -0.53
C THR L 64 -38.68 -18.10 -1.31
N ASN L 65 -37.49 -18.60 -1.00
CA ASN L 65 -36.93 -19.75 -1.72
C ASN L 65 -37.87 -20.94 -1.67
N VAL L 66 -38.01 -21.63 -2.81
CA VAL L 66 -38.89 -22.79 -2.92
C VAL L 66 -38.16 -24.01 -3.46
N GLY L 67 -36.84 -24.01 -3.48
CA GLY L 67 -36.09 -25.08 -4.08
C GLY L 67 -34.88 -24.51 -4.80
N GLY L 68 -33.71 -25.09 -4.61
CA GLY L 68 -32.51 -24.46 -5.10
C GLY L 68 -31.67 -23.94 -3.97
N ALA L 69 -31.19 -22.69 -4.05
CA ALA L 69 -30.32 -22.18 -3.00
C ALA L 69 -30.27 -20.67 -3.07
N VAL L 70 -30.49 -20.03 -1.93
CA VAL L 70 -30.39 -18.57 -1.84
C VAL L 70 -29.34 -18.26 -0.78
N VAL L 71 -28.33 -17.50 -1.16
CA VAL L 71 -27.19 -17.21 -0.29
C VAL L 71 -27.01 -15.71 -0.25
N THR L 72 -27.57 -15.05 0.76
CA THR L 72 -27.48 -13.60 0.86
C THR L 72 -26.69 -13.14 2.08
N GLY L 73 -25.75 -13.96 2.56
CA GLY L 73 -24.92 -13.62 3.69
C GLY L 73 -23.59 -13.01 3.28
N VAL L 74 -22.60 -13.16 4.16
CA VAL L 74 -21.23 -12.76 3.89
C VAL L 74 -20.35 -13.97 4.13
N THR L 75 -19.76 -14.49 3.07
CA THR L 75 -18.93 -15.69 3.11
C THR L 75 -17.47 -15.32 2.85
N ALA L 76 -16.58 -16.14 3.39
CA ALA L 76 -15.15 -15.92 3.22
C ALA L 76 -14.45 -17.26 3.33
N VAL L 77 -14.13 -17.85 2.20
CA VAL L 77 -13.37 -19.07 2.12
C VAL L 77 -11.90 -18.71 1.93
N ALA L 78 -11.02 -19.55 2.47
CA ALA L 78 -9.59 -19.30 2.37
C ALA L 78 -8.88 -20.65 2.48
N GLN L 79 -8.44 -21.18 1.36
CA GLN L 79 -7.79 -22.47 1.33
C GLN L 79 -6.36 -22.32 0.81
N LYS L 80 -5.56 -23.35 1.09
CA LYS L 80 -4.21 -23.44 0.56
C LYS L 80 -4.07 -24.43 -0.58
N THR L 81 -4.81 -25.53 -0.56
CA THR L 81 -4.59 -26.59 -1.55
C THR L 81 -5.84 -27.44 -1.64
N VAL L 82 -6.29 -27.70 -2.86
CA VAL L 82 -7.40 -28.62 -3.08
C VAL L 82 -7.06 -29.55 -4.23
N GLU L 83 -6.76 -30.79 -3.92
CA GLU L 83 -6.38 -31.78 -4.91
C GLU L 83 -7.63 -32.48 -5.43
N GLY L 84 -7.45 -33.61 -6.09
CA GLY L 84 -8.58 -34.47 -6.38
C GLY L 84 -9.21 -34.18 -7.73
N ALA L 85 -9.55 -35.25 -8.43
CA ALA L 85 -10.03 -35.15 -9.81
C ALA L 85 -11.55 -35.01 -9.85
N GLY L 86 -12.01 -33.81 -9.47
CA GLY L 86 -13.42 -33.54 -9.49
C GLY L 86 -13.90 -32.70 -8.34
N SER L 87 -12.96 -32.33 -7.47
CA SER L 87 -13.29 -31.54 -6.28
C SER L 87 -14.01 -30.26 -6.64
N ILE L 88 -14.98 -29.88 -5.81
CA ILE L 88 -15.83 -28.73 -6.07
C ILE L 88 -15.59 -27.71 -4.96
N ALA L 89 -14.35 -27.58 -4.53
CA ALA L 89 -13.98 -26.69 -3.43
C ALA L 89 -14.61 -25.31 -3.57
N ALA L 90 -15.02 -24.74 -2.44
CA ALA L 90 -15.51 -23.37 -2.35
C ALA L 90 -16.72 -23.14 -3.27
N ALA L 91 -17.80 -23.83 -2.94
CA ALA L 91 -19.09 -23.64 -3.59
C ALA L 91 -19.97 -22.79 -2.68
N THR L 92 -20.81 -21.96 -3.28
CA THR L 92 -21.73 -21.09 -2.53
C THR L 92 -22.95 -20.85 -3.40
N GLY L 93 -24.01 -21.62 -3.17
CA GLY L 93 -25.19 -21.59 -4.01
C GLY L 93 -25.25 -22.69 -5.04
N PHE L 94 -24.79 -23.89 -4.71
CA PHE L 94 -24.65 -24.97 -5.66
C PHE L 94 -25.92 -25.81 -5.71
N VAL L 95 -26.28 -26.26 -6.91
CA VAL L 95 -27.51 -27.03 -7.10
C VAL L 95 -27.25 -28.30 -7.90
N LYS L 96 -26.11 -28.95 -7.69
CA LYS L 96 -25.66 -29.96 -8.64
C LYS L 96 -26.58 -31.18 -8.66
N LYS L 97 -27.55 -31.19 -9.58
CA LYS L 97 -28.61 -32.19 -9.57
C LYS L 97 -28.81 -32.83 -10.93
N ASP L 98 -28.87 -34.16 -10.95
CA ASP L 98 -29.29 -34.88 -12.15
C ASP L 98 -30.80 -35.04 -12.14
C25 A1EFL M . 2.26 48.69 8.61
C10 A1EFL M . 10.07 40.93 11.73
C01 A1EFL M . 14.56 37.12 13.54
C02 A1EFL M . 13.95 36.02 12.94
C03 A1EFL M . 12.73 36.19 12.28
C04 A1EFL M . 12.11 37.44 12.24
C05 A1EFL M . 12.71 38.52 12.83
C06 A1EFL M . 13.96 38.36 13.49
C08 A1EFL M . 10.95 39.72 12.02
C11 A1EFL M . 8.96 40.80 11.03
C12 A1EFL M . 8.08 42.01 10.74
C14 A1EFL M . 7.70 44.29 10.98
C15 A1EFL M . 6.53 44.18 10.23
C16 A1EFL M . 6.14 42.95 9.73
C17 A1EFL M . 6.93 41.84 9.99
C18 A1EFL M . 5.76 45.31 9.98
C19 A1EFL M . 6.15 46.54 10.50
C21 A1EFL M . 4.27 47.53 9.59
C22 A1EFL M . 3.83 46.34 9.05
C23 A1EFL M . 4.59 45.20 9.25
C27 A1EFL M . 15.79 34.75 13.67
C28 A1EFL M . 16.46 33.40 13.38
C29 A1EFL M . 15.39 32.34 13.12
F30 A1EFL M . 15.67 31.70 11.94
N07 A1EFL M . 12.08 39.71 12.71
N13 A1EFL M . 8.43 43.21 11.21
N20 A1EFL M . 5.40 47.60 10.29
N24 A1EFL M . 3.53 48.75 9.32
O26 A1EFL M . 14.53 34.75 13.05
O31 A1EFL M . 17.22 33.02 14.51
S09 A1EFL M . 10.66 38.08 11.49
C25 A1EFL N . 2.89 46.12 12.69
C10 A1EFL N . 10.59 38.22 15.73
C01 A1EFL N . 15.04 34.34 17.49
C02 A1EFL N . 14.41 33.25 16.89
C03 A1EFL N . 13.18 33.43 16.24
C04 A1EFL N . 12.58 34.70 16.20
C05 A1EFL N . 13.20 35.77 16.80
C06 A1EFL N . 14.45 35.58 17.45
C08 A1EFL N . 11.46 37.00 16.01
C11 A1EFL N . 9.48 38.11 15.04
C12 A1EFL N . 8.61 39.34 14.76
C14 A1EFL N . 8.27 41.61 14.99
C15 A1EFL N . 7.10 41.53 14.26
C16 A1EFL N . 6.67 40.30 13.77
C17 A1EFL N . 7.45 39.18 14.02
C18 A1EFL N . 6.34 42.68 14.02
C19 A1EFL N . 6.76 43.90 14.53
C21 A1EFL N . 4.89 44.92 13.66
C22 A1EFL N . 4.42 43.74 13.12
C23 A1EFL N . 5.17 42.58 13.30
C27 A1EFL N . 16.23 31.94 17.60
C28 A1EFL N . 16.87 30.59 17.31
C29 A1EFL N . 15.79 29.55 17.05
F30 A1EFL N . 16.04 28.90 15.88
N07 A1EFL N . 12.59 36.96 16.68
N13 A1EFL N . 8.99 40.52 15.22
N20 A1EFL N . 6.01 44.97 14.33
N24 A1EFL N . 4.16 46.16 13.39
O26 A1EFL N . 14.97 31.97 16.99
O31 A1EFL N . 17.65 30.19 18.41
S09 A1EFL N . 11.14 35.37 15.48
C25 A1EFL O . 3.50 43.52 16.77
C10 A1EFL O . 11.11 35.51 19.72
C01 A1EFL O . 15.51 31.54 21.43
C02 A1EFL O . 14.86 30.47 20.83
C03 A1EFL O . 13.62 30.67 20.20
C04 A1EFL O . 13.04 31.94 20.17
C05 A1EFL O . 13.69 32.99 20.76
C06 A1EFL O . 14.95 32.80 21.40
C08 A1EFL O . 11.96 34.26 19.99
C11 A1EFL O . 9.99 35.40 19.04
C12 A1EFL O . 9.14 36.65 18.77
C14 A1EFL O . 8.83 38.93 19.01
C15 A1EFL O . 7.65 38.87 18.29
C16 A1EFL O . 7.21 37.65 17.80
C17 A1EFL O . 7.96 36.52 18.04
C18 A1EFL O . 6.92 40.03 18.06
C19 A1EFL O . 7.35 41.24 18.57
C21 A1EFL O . 5.49 42.30 17.70
C22 A1EFL O . 5.00 41.12 17.17
C23 A1EFL O . 5.73 39.95 17.36
C27 A1EFL O . 16.66 29.13 21.53
C28 A1EFL O . 17.29 27.76 21.23
C29 A1EFL O . 16.17 26.74 20.98
F30 A1EFL O . 16.41 26.09 19.80
N07 A1EFL O . 13.09 34.21 20.65
N13 A1EFL O . 9.53 37.82 19.23
N20 A1EFL O . 6.63 42.33 18.37
N24 A1EFL O . 4.79 43.55 17.45
O26 A1EFL O . 15.40 29.17 20.93
O31 A1EFL O . 18.06 27.35 22.32
S09 A1EFL O . 11.61 32.64 19.47
C25 A1EFL P . 4.12 40.91 20.84
C10 A1EFL P . 11.64 32.75 23.70
C01 A1EFL P . 15.99 28.72 25.36
C02 A1EFL P . 15.30 27.66 24.77
C03 A1EFL P . 14.06 27.88 24.16
C04 A1EFL P . 13.51 29.16 24.13
C05 A1EFL P . 14.18 30.21 24.72
C06 A1EFL P . 15.44 29.99 25.34
C08 A1EFL P . 12.46 31.49 23.96
C11 A1EFL P . 10.50 32.68 23.04
C12 A1EFL P . 9.67 33.94 22.78
C14 A1EFL P . 9.41 36.22 23.03
C15 A1EFL P . 8.21 36.19 22.32
C16 A1EFL P . 7.74 34.98 21.84
C17 A1EFL P . 8.49 33.82 22.06
C18 A1EFL P . 7.49 37.35 22.09
C19 A1EFL P . 7.95 38.55 22.60
C21 A1EFL P . 6.10 39.64 21.77
C22 A1EFL P . 5.59 38.48 21.23
C23 A1EFL P . 6.30 37.30 21.40
C27 A1EFL P . 17.09 26.29 25.44
C28 A1EFL P . 17.69 24.91 25.14
C29 A1EFL P . 16.56 23.91 24.89
F30 A1EFL P . 16.77 23.25 23.72
N07 A1EFL P . 13.60 31.43 24.61
N13 A1EFL P . 10.09 35.10 23.22
N20 A1EFL P . 7.25 39.65 22.41
N24 A1EFL P . 5.41 40.90 21.51
O26 A1EFL P . 15.82 26.35 24.86
O31 A1EFL P . 18.47 24.49 26.23
S09 A1EFL P . 12.08 29.89 23.44
C25 A1EFL Q . 4.72 38.29 24.91
C10 A1EFL Q . 12.12 30.02 27.68
C01 A1EFL Q . 16.42 25.91 29.30
C02 A1EFL Q . 15.72 24.85 28.72
C03 A1EFL Q . 14.49 25.09 28.10
C04 A1EFL Q . 13.95 26.39 28.08
C05 A1EFL Q . 14.64 27.42 28.66
C06 A1EFL Q . 15.90 27.18 29.28
C08 A1EFL Q . 12.93 28.74 27.93
C11 A1EFL Q . 10.98 29.95 27.02
C12 A1EFL Q . 10.17 31.23 26.77
C14 A1EFL Q . 9.95 33.51 27.04
C15 A1EFL Q . 8.75 33.50 26.34
C16 A1EFL Q . 8.25 32.29 25.85
C17 A1EFL Q . 8.98 31.13 26.07
C18 A1EFL Q . 8.05 34.67 26.13
C19 A1EFL Q . 8.54 35.87 26.62
C21 A1EFL Q . 6.69 36.99 25.80
C22 A1EFL Q . 6.15 35.83 25.27
C23 A1EFL Q . 6.84 34.64 25.44
C27 A1EFL Q . 17.50 23.45 29.36
C28 A1EFL Q . 18.07 22.07 29.05
C29 A1EFL Q . 16.92 21.09 28.82
F30 A1EFL Q . 17.11 20.43 27.64
N07 A1EFL Q . 14.09 28.66 28.57
N13 A1EFL Q . 10.61 32.39 27.23
N20 A1EFL Q . 7.84 36.98 26.45
N24 A1EFL Q . 6.02 38.26 25.56
O26 A1EFL Q . 16.22 23.54 28.79
O31 A1EFL Q . 18.84 21.63 30.13
S09 A1EFL Q . 12.52 27.14 27.42
C25 A1EFL R . 5.35 35.66 28.95
C10 A1EFL R . 12.64 27.27 31.64
C01 A1EFL R . 16.90 23.09 33.20
C02 A1EFL R . 16.17 22.04 32.63
C03 A1EFL R . 14.93 22.30 32.03
C04 A1EFL R . 14.41 23.61 32.02
C05 A1EFL R . 15.13 24.63 32.59
C06 A1EFL R . 16.39 24.36 33.20
C08 A1EFL R . 13.44 25.98 31.88
C11 A1EFL R . 11.50 27.22 31.00
C12 A1EFL R . 10.71 28.51 30.75
C14 A1EFL R . 10.52 30.80 31.01
C15 A1EFL R . 9.32 30.80 30.33
C16 A1EFL R . 8.80 29.61 29.85
C17 A1EFL R . 9.50 28.43 30.06
C18 A1EFL R . 8.63 32.00 30.12
C19 A1EFL R . 9.14 33.18 30.62
C21 A1EFL R . 7.31 34.34 29.82
C22 A1EFL R . 6.74 33.18 29.30
C23 A1EFL R . 7.42 31.98 29.45
C27 A1EFL R . 17.92 20.61 33.25
C28 A1EFL R . 18.46 19.22 32.94
C29 A1EFL R . 17.30 18.25 32.73
F30 A1EFL R . 17.47 17.60 31.54
N07 A1EFL R . 14.59 25.87 32.51
N13 A1EFL R . 11.17 29.66 31.20
N20 A1EFL R . 8.47 34.31 30.45
N24 A1EFL R . 6.66 35.61 29.59
O26 A1EFL R . 16.64 20.73 32.71
O31 A1EFL R . 19.25 18.77 34.01
S09 A1EFL R . 12.99 24.38 31.36
C25 A1EFL S . 0.20 -27.85 -41.90
C10 A1EFL S . -8.35 -26.80 -34.38
C01 A1EFL S . -13.23 -26.50 -30.62
C02 A1EFL S . -12.64 -25.50 -29.84
C03 A1EFL S . -11.36 -25.05 -30.15
C04 A1EFL S . -10.65 -25.59 -31.23
C05 A1EFL S . -11.23 -26.58 -31.99
C06 A1EFL S . -12.54 -27.04 -31.68
C08 A1EFL S . -9.33 -26.47 -33.25
C11 A1EFL S . -7.19 -26.17 -34.44
C12 A1EFL S . -6.21 -26.50 -35.57
C14 A1EFL S . -5.70 -27.73 -37.46
C15 A1EFL S . -4.48 -27.08 -37.58
C16 A1EFL S . -4.13 -26.10 -36.67
C17 A1EFL S . -5.01 -25.81 -35.63
C18 A1EFL S . -3.62 -27.39 -38.63
C19 A1EFL S . -3.98 -28.38 -39.53
C21 A1EFL S . -1.96 -28.11 -40.64
C22 A1EFL S . -1.56 -27.12 -39.76
C23 A1EFL S . -2.40 -26.75 -38.72
C27 A1EFL S . -14.61 -25.49 -28.56
C28 A1EFL S . -15.34 -24.61 -27.54
C29 A1EFL S . -14.32 -23.96 -26.62
F30 A1EFL S . -14.55 -22.61 -26.58
N07 A1EFL S . -10.51 -27.03 -33.05
N13 A1EFL S . -6.52 -27.41 -36.47
N20 A1EFL S . -3.13 -28.70 -40.51
N24 A1EFL S . -1.11 -28.45 -41.77
O26 A1EFL S . -13.31 -25.01 -28.71
O31 A1EFL S . -16.22 -25.40 -26.79
S09 A1EFL S . -9.11 -25.29 -31.99
C25 A1EFL T . -0.95 -30.32 -37.87
C10 A1EFL T . -9.41 -29.14 -30.26
C01 A1EFL T . -14.24 -28.76 -26.44
C02 A1EFL T . -13.63 -27.78 -25.68
C03 A1EFL T . -12.34 -27.35 -25.99
C04 A1EFL T . -11.66 -27.90 -27.09
C05 A1EFL T . -12.25 -28.87 -27.85
C06 A1EFL T . -13.57 -29.32 -27.52
C08 A1EFL T . -10.37 -28.80 -29.12
C11 A1EFL T . -8.25 -28.53 -30.33
C12 A1EFL T . -7.28 -28.87 -31.48
C14 A1EFL T . -6.80 -30.12 -33.37
C15 A1EFL T . -5.58 -29.48 -33.51
C16 A1EFL T . -5.20 -28.51 -32.59
C17 A1EFL T . -6.07 -28.20 -31.55
C18 A1EFL T . -4.74 -29.81 -34.55
C19 A1EFL T . -5.11 -30.79 -35.46
C21 A1EFL T . -3.10 -30.55 -36.58
C22 A1EFL T . -2.67 -29.56 -35.71
C23 A1EFL T . -3.50 -29.18 -34.67
C27 A1EFL T . -15.59 -27.74 -24.38
C28 A1EFL T . -16.30 -26.85 -23.35
C29 A1EFL T . -15.26 -26.21 -22.44
F30 A1EFL T . -15.45 -24.86 -22.39
N07 A1EFL T . -11.55 -29.33 -28.91
N13 A1EFL T . -7.61 -29.79 -32.37
N20 A1EFL T . -4.28 -31.12 -36.44
N24 A1EFL T . -2.28 -30.89 -37.73
O26 A1EFL T . -14.28 -27.27 -24.54
O31 A1EFL T . -17.19 -27.62 -22.59
S09 A1EFL T . -10.12 -27.63 -27.86
C25 A1EFL U . -2.10 -32.79 -33.83
C10 A1EFL U . -10.45 -31.47 -26.13
C01 A1EFL U . -15.24 -31.03 -22.27
C02 A1EFL U . -14.61 -30.05 -21.50
C03 A1EFL U . -13.30 -29.63 -21.83
C04 A1EFL U . -12.65 -30.20 -22.93
C05 A1EFL U . -13.27 -31.16 -23.68
C06 A1EFL U . -14.59 -31.58 -23.35
C08 A1EFL U . -11.40 -31.12 -24.97
C11 A1EFL U . -9.28 -30.88 -26.22
C12 A1EFL U . -8.33 -31.23 -27.37
C14 A1EFL U . -7.90 -32.49 -29.27
C15 A1EFL U . -6.66 -31.87 -29.42
C16 A1EFL U . -6.26 -30.91 -28.50
C17 A1EFL U . -7.11 -30.58 -27.45
C18 A1EFL U . -5.84 -32.21 -30.47
C19 A1EFL U . -6.23 -33.19 -31.37
C21 A1EFL U . -4.24 -32.98 -32.52
C22 A1EFL U . -3.78 -32.00 -31.65
C23 A1EFL U . -4.60 -31.61 -30.60
C27 A1EFL U . -16.55 -29.98 -20.18
C28 A1EFL U . -17.23 -29.08 -19.15
C29 A1EFL U . -16.18 -28.46 -18.24
F30 A1EFL U . -16.35 -27.11 -18.19
N07 A1EFL U . -12.59 -31.63 -24.76
N13 A1EFL U . -8.69 -32.14 -28.25
N20 A1EFL U . -5.42 -33.53 -32.36
N24 A1EFL U . -3.43 -33.33 -33.67
O26 A1EFL U . -15.23 -29.53 -20.36
O31 A1EFL U . -18.12 -29.84 -18.38
S09 A1EFL U . -11.11 -29.95 -23.72
C25 A1EFL V . -3.25 -35.24 -29.77
C10 A1EFL V . -11.50 -33.79 -21.97
C01 A1EFL V . -16.25 -33.27 -18.06
C02 A1EFL V . -15.58 -32.30 -17.30
C03 A1EFL V . -14.29 -31.91 -17.66
C04 A1EFL V . -13.65 -32.48 -18.76
C05 A1EFL V . -14.30 -33.44 -19.51
C06 A1EFL V . -15.61 -33.84 -19.16
C08 A1EFL V . -12.43 -33.42 -20.81
C11 A1EFL V . -10.32 -33.22 -22.08
C12 A1EFL V . -9.39 -33.59 -23.24
C14 A1EFL V . -9.00 -34.85 -25.14
C15 A1EFL V . -7.75 -34.25 -25.31
C16 A1EFL V . -7.33 -33.29 -24.39
C17 A1EFL V . -8.15 -32.95 -23.33
C18 A1EFL V . -6.94 -34.61 -26.37
C19 A1EFL V . -7.37 -35.57 -27.27
C21 A1EFL V . -5.38 -35.39 -28.43
C22 A1EFL V . -4.90 -34.42 -27.57
C23 A1EFL V . -5.69 -34.02 -26.51
C27 A1EFL V . -17.52 -32.20 -15.96
C28 A1EFL V . -18.17 -31.29 -14.94
C29 A1EFL V . -17.10 -30.69 -14.03
F30 A1EFL V . -17.25 -29.33 -13.98
N07 A1EFL V . -13.63 -33.92 -20.59
N13 A1EFL V . -9.77 -34.49 -24.12
N20 A1EFL V . -6.58 -35.93 -28.27
N24 A1EFL V . -4.59 -35.76 -29.60
O26 A1EFL V . -16.19 -31.78 -16.16
O31 A1EFL V . -19.07 -32.03 -14.16
S09 A1EFL V . -12.12 -32.26 -19.56
C25 A1EFL W . -4.38 -37.67 -25.70
C10 A1EFL W . -12.53 -36.11 -17.83
C01 A1EFL W . -17.21 -35.51 -13.87
C02 A1EFL W . -16.53 -34.56 -13.12
C03 A1EFL W . -15.23 -34.18 -13.48
C04 A1EFL W . -14.61 -34.77 -14.59
C05 A1EFL W . -15.29 -35.71 -15.33
C06 A1EFL W . -16.61 -36.09 -14.96
C08 A1EFL W . -13.44 -35.72 -16.66
C11 A1EFL W . -11.34 -35.55 -17.94
C12 A1EFL W . -10.42 -35.93 -19.12
C14 A1EFL W . -10.07 -37.19 -21.02
C15 A1EFL W . -8.82 -36.62 -21.20
C16 A1EFL W . -8.37 -35.68 -20.29
C17 A1EFL W . -9.18 -35.32 -19.22
C18 A1EFL W . -8.02 -36.99 -22.27
C19 A1EFL W . -8.48 -37.94 -23.17
C21 A1EFL W . -6.49 -37.79 -24.35
C22 A1EFL W . -5.99 -36.84 -23.49
C23 A1EFL W . -6.77 -36.42 -22.43
C27 A1EFL W . -18.45 -34.42 -11.76
C28 A1EFL W . -19.07 -33.51 -10.71
C29 A1EFL W . -17.98 -32.92 -9.83
F30 A1EFL W . -18.11 -31.56 -9.77
N07 A1EFL W . -14.64 -36.19 -16.42
N13 A1EFL W . -10.83 -36.84 -20.00
N20 A1EFL W . -7.69 -38.32 -24.17
N24 A1EFL W . -5.72 -38.18 -25.52
O26 A1EFL W . -17.12 -34.02 -11.96
O31 A1EFL W . -19.98 -34.24 -9.93
S09 A1EFL W . -13.09 -34.56 -15.41
C25 A1EFL X . -5.53 -40.08 -21.65
C10 A1EFL X . -13.58 -38.40 -13.69
C01 A1EFL X . -18.21 -37.73 -9.68
C02 A1EFL X . -17.51 -36.79 -8.93
C03 A1EFL X . -16.20 -36.43 -9.31
C04 A1EFL X . -15.60 -37.03 -10.42
C05 A1EFL X . -16.30 -37.96 -11.16
C06 A1EFL X . -17.63 -38.32 -10.79
C08 A1EFL X . -14.47 -38.00 -12.51
C11 A1EFL X . -12.37 -37.86 -13.82
C12 A1EFL X . -11.48 -38.26 -15.00
C14 A1EFL X . -11.17 -39.52 -16.91
C15 A1EFL X . -9.92 -38.97 -17.09
C16 A1EFL X . -9.43 -38.03 -16.18
C17 A1EFL X . -10.23 -37.66 -15.11
C18 A1EFL X . -9.13 -39.35 -18.19
C19 A1EFL X . -9.61 -40.29 -19.07
C21 A1EFL X . -7.64 -40.18 -20.28
C22 A1EFL X . -7.11 -39.23 -19.42
C23 A1EFL X . -7.87 -38.80 -18.34
C27 A1EFL X . -19.40 -36.63 -7.55
C28 A1EFL X . -20.01 -35.70 -6.51
C29 A1EFL X . -18.90 -35.14 -5.63
F30 A1EFL X . -19.01 -33.77 -5.58
N07 A1EFL X . -15.68 -38.46 -12.26
N13 A1EFL X . -11.91 -39.15 -15.87
N20 A1EFL X . -8.85 -40.67 -20.09
N24 A1EFL X . -6.89 -40.57 -21.45
O26 A1EFL X . -18.07 -36.25 -7.77
O31 A1EFL X . -20.91 -36.41 -5.70
S09 A1EFL X . -14.08 -36.85 -11.26
#